data_3OAG
#
_entry.id   3OAG
#
_cell.length_a   66.570
_cell.length_b   93.633
_cell.length_c   117.896
_cell.angle_alpha   90.00
_cell.angle_beta   90.00
_cell.angle_gamma   90.00
#
_symmetry.space_group_name_H-M   'P 21 21 21'
#
loop_
_entity.id
_entity.type
_entity.pdbx_description
1 polymer Renin
2 polymer Renin
3 non-polymer 2-acetamido-2-deoxy-beta-D-glucopyranose
4 non-polymer (3R,4S)-N-{2-chloro-5-[(cyclopropylamino)methyl]benzyl}-N-cyclopropyl-4-{6-[2-(2,6-dichloro-4-methylphenoxy)ethoxy]pyridin-3-yl}piperidine-3-carboxamide
5 water water
#
loop_
_entity_poly.entity_id
_entity_poly.type
_entity_poly.pdbx_seq_one_letter_code
_entity_poly.pdbx_strand_id
1 'polypeptide(L)'
;LTLGNTTSSVILTNYMDTQYYGEIGIGTPPQTFKVVFDTGSSNVWVPSSKCSRLYTACVYHKLFDASDSSSYKHNGTELT
LRYSTGTVSGFLSQDIITVGGITVTQMFGEVTEMPALPFMLAEFDGVVGMGFIEQAIGRVTPIFDNIISQGVLKEDVFSF
YYNRDS
;
A,C
2 'polypeptide(L)'
;SLGGQIVLGGSDPQHYEGNFHYINLIKTGVWQIQMKGVSVGSSTLLCEDGCLALVDTGASYISGSTSSIEKLMEALGAKK
RLFDYVVKCNEGPTLPDISFHLGGKEYTLTSADYVFQESYSSKKLCTLAIHAMDIPPPTGPTWALGATFIRKFYTEFDRR
NNRIGFALARHHHHHH
;
B,D
#
# COMPACT_ATOMS: atom_id res chain seq x y z
N GLY A 4 0.69 2.89 -43.11
CA GLY A 4 1.38 2.03 -42.08
C GLY A 4 2.89 2.12 -42.16
N ASN A 5 3.41 3.35 -42.04
CA ASN A 5 4.83 3.62 -42.24
C ASN A 5 5.49 4.44 -41.13
N THR A 6 4.83 4.55 -39.98
CA THR A 6 5.32 5.41 -38.91
C THR A 6 6.07 4.70 -37.78
N THR A 7 7.19 5.30 -37.40
CA THR A 7 7.81 5.07 -36.11
C THR A 7 7.50 6.31 -35.27
N SER A 8 7.32 6.12 -33.97
CA SER A 8 6.98 7.21 -33.06
C SER A 8 7.80 7.10 -31.79
N SER A 9 8.46 8.19 -31.41
CA SER A 9 9.34 8.16 -30.26
C SER A 9 8.86 9.06 -29.12
N VAL A 10 9.33 8.75 -27.92
CA VAL A 10 8.98 9.49 -26.72
C VAL A 10 10.26 9.71 -25.94
N ILE A 11 10.59 10.96 -25.68
CA ILE A 11 11.77 11.27 -24.87
C ILE A 11 11.48 10.90 -23.42
N LEU A 12 12.44 10.26 -22.77
CA LEU A 12 12.31 9.91 -21.38
C LEU A 12 13.22 10.76 -20.52
N THR A 13 12.76 10.98 -19.30
CA THR A 13 13.57 11.59 -18.26
C THR A 13 14.09 10.47 -17.36
N ASN A 14 15.38 10.53 -17.06
CA ASN A 14 16.01 9.64 -16.09
C ASN A 14 16.07 10.33 -14.73
N TYR A 15 15.32 9.81 -13.76
CA TYR A 15 15.49 10.26 -12.39
C TYR A 15 16.38 9.29 -11.62
N MET A 16 17.59 9.74 -11.27
CA MET A 16 18.50 9.05 -10.34
C MET A 16 18.83 7.58 -10.69
N ASP A 17 18.83 7.25 -11.98
CA ASP A 17 19.05 5.88 -12.48
C ASP A 17 17.99 4.83 -12.02
N THR A 18 16.89 5.28 -11.43
CA THR A 18 15.88 4.33 -10.93
C THR A 18 14.49 4.51 -11.53
N GLN A 19 14.21 5.69 -12.09
CA GLN A 19 12.91 5.96 -12.69
C GLN A 19 13.06 6.57 -14.08
N TYR A 20 12.53 5.88 -15.08
CA TYR A 20 12.53 6.41 -16.44
C TYR A 20 11.09 6.66 -16.90
N TYR A 21 10.80 7.89 -17.28
CA TYR A 21 9.43 8.31 -17.63
C TYR A 21 9.39 9.37 -18.71
N GLY A 22 8.30 9.36 -19.48
CA GLY A 22 8.01 10.36 -20.50
C GLY A 22 6.55 10.83 -20.46
N GLU A 23 6.19 11.68 -21.41
CA GLU A 23 4.86 12.31 -21.42
C GLU A 23 3.82 11.57 -22.28
N ILE A 24 2.62 11.36 -21.73
CA ILE A 24 1.44 11.07 -22.56
C ILE A 24 0.36 12.14 -22.34
N GLY A 25 -0.62 12.20 -23.25
CA GLY A 25 -1.78 13.09 -23.09
C GLY A 25 -3.06 12.29 -23.05
N ILE A 26 -3.93 12.59 -22.08
CA ILE A 26 -5.22 11.91 -22.01
C ILE A 26 -6.36 12.93 -22.10
N GLY A 27 -7.28 12.70 -23.05
CA GLY A 27 -8.50 13.51 -23.14
C GLY A 27 -8.49 14.59 -24.20
N THR A 28 -9.59 15.36 -24.24
CA THR A 28 -9.73 16.49 -25.17
C THR A 28 -10.24 17.71 -24.41
N PRO A 29 -9.40 18.75 -24.29
CA PRO A 29 -7.99 18.82 -24.69
C PRO A 29 -7.10 17.90 -23.82
N PRO A 30 -5.89 17.58 -24.31
CA PRO A 30 -4.97 16.67 -23.62
C PRO A 30 -4.56 17.12 -22.21
N GLN A 31 -4.77 16.24 -21.23
CA GLN A 31 -4.21 16.40 -19.89
C GLN A 31 -2.96 15.55 -19.91
N THR A 32 -1.82 16.19 -19.69
CA THR A 32 -0.53 15.50 -19.78
C THR A 32 -0.11 14.87 -18.45
N PHE A 33 0.54 13.70 -18.55
CA PHE A 33 1.00 12.91 -17.41
C PHE A 33 2.36 12.35 -17.73
N LYS A 34 3.22 12.30 -16.71
CA LYS A 34 4.49 11.56 -16.80
C LYS A 34 4.26 10.10 -16.44
N VAL A 35 4.73 9.21 -17.30
CA VAL A 35 4.49 7.79 -17.12
C VAL A 35 5.72 6.93 -17.40
N VAL A 36 5.87 5.88 -16.59
CA VAL A 36 6.83 4.82 -16.84
C VAL A 36 6.18 3.88 -17.84
N PHE A 37 6.92 3.52 -18.89
CA PHE A 37 6.46 2.54 -19.87
C PHE A 37 7.00 1.17 -19.44
N ASP A 38 6.09 0.33 -18.96
CA ASP A 38 6.42 -0.82 -18.14
C ASP A 38 6.10 -2.19 -18.80
N THR A 39 7.13 -2.88 -19.29
CA THR A 39 6.91 -4.22 -19.88
C THR A 39 6.53 -5.30 -18.84
N GLY A 40 6.56 -4.93 -17.56
CA GLY A 40 6.19 -5.87 -16.51
C GLY A 40 4.75 -5.77 -16.04
N SER A 41 3.97 -4.88 -16.69
CA SER A 41 2.54 -4.75 -16.45
C SER A 41 1.81 -4.47 -17.77
N SER A 42 0.47 -4.60 -17.78
CA SER A 42 -0.31 -4.50 -19.02
C SER A 42 -1.40 -3.44 -18.99
N ASN A 43 -1.57 -2.75 -17.87
CA ASN A 43 -2.60 -1.71 -17.77
C ASN A 43 -2.08 -0.29 -17.86
N VAL A 44 -2.94 0.63 -18.33
CA VAL A 44 -2.72 2.06 -18.17
C VAL A 44 -3.42 2.52 -16.88
N TRP A 45 -2.66 3.19 -16.01
CA TRP A 45 -3.16 3.74 -14.75
C TRP A 45 -2.68 5.17 -14.62
N VAL A 46 -3.59 6.06 -14.20
CA VAL A 46 -3.24 7.42 -13.79
C VAL A 46 -4.09 7.79 -12.57
N PRO A 47 -3.60 8.68 -11.70
CA PRO A 47 -4.47 9.08 -10.59
C PRO A 47 -5.72 9.83 -11.09
N SER A 48 -6.81 9.70 -10.34
CA SER A 48 -8.11 10.25 -10.70
C SER A 48 -8.32 11.51 -9.89
N SER A 49 -9.03 12.49 -10.45
CA SER A 49 -9.41 13.68 -9.70
C SER A 49 -10.28 13.31 -8.51
N LYS A 50 -10.74 12.05 -8.51
CA LYS A 50 -11.55 11.48 -7.42
C LYS A 50 -10.70 10.84 -6.33
N CYS A 51 -9.38 10.92 -6.44
CA CYS A 51 -8.51 10.46 -5.37
C CYS A 51 -8.42 11.54 -4.30
N SER A 52 -8.88 11.20 -3.10
CA SER A 52 -8.83 12.10 -1.97
C SER A 52 -7.43 12.66 -1.72
N ARG A 53 -7.37 13.91 -1.30
CA ARG A 53 -6.10 14.57 -0.95
C ARG A 53 -5.54 13.99 0.36
N LEU A 54 -6.34 13.17 1.04
CA LEU A 54 -5.90 12.43 2.22
C LEU A 54 -5.08 11.18 1.85
N TYR A 55 -4.89 10.96 0.56
CA TYR A 55 -3.87 9.99 0.12
C TYR A 55 -2.66 10.75 -0.34
N THR A 56 -1.55 10.50 0.35
CA THR A 56 -0.29 11.19 0.10
C THR A 56 0.18 11.05 -1.35
N ALA A 57 0.06 9.84 -1.89
CA ALA A 57 0.43 9.57 -3.28
C ALA A 57 -0.36 10.39 -4.30
N CYS A 58 -1.55 10.85 -3.92
CA CYS A 58 -2.38 11.61 -4.85
C CYS A 58 -2.19 13.10 -4.75
N VAL A 59 -1.65 13.56 -3.62
CA VAL A 59 -1.57 15.00 -3.34
C VAL A 59 -0.43 15.72 -4.09
N TYR A 60 0.57 15.00 -4.59
CA TYR A 60 1.67 15.65 -5.33
C TYR A 60 1.75 15.26 -6.79
N HIS A 61 0.74 14.56 -7.27
CA HIS A 61 0.70 14.11 -8.64
C HIS A 61 -0.47 14.71 -9.39
N LYS A 62 -0.35 14.69 -10.71
CA LYS A 62 -1.39 15.13 -11.61
C LYS A 62 -2.59 14.18 -11.53
N LEU A 63 -3.78 14.74 -11.50
CA LEU A 63 -5.00 13.94 -11.41
C LEU A 63 -5.79 14.09 -12.70
N PHE A 64 -6.27 12.98 -13.26
CA PHE A 64 -7.09 13.04 -14.46
C PHE A 64 -8.48 13.53 -14.09
N ASP A 65 -8.98 14.52 -14.84
CA ASP A 65 -10.35 14.99 -14.63
C ASP A 65 -11.23 14.72 -15.85
N ALA A 66 -12.13 13.76 -15.70
CA ALA A 66 -13.07 13.38 -16.77
C ALA A 66 -13.99 14.54 -17.15
N SER A 67 -14.37 15.33 -16.15
CA SER A 67 -15.27 16.46 -16.36
C SER A 67 -14.60 17.63 -17.10
N ASP A 68 -13.35 17.46 -17.50
CA ASP A 68 -12.68 18.43 -18.39
C ASP A 68 -12.41 17.88 -19.78
N SER A 69 -12.84 16.64 -20.04
CA SER A 69 -12.60 15.99 -21.31
C SER A 69 -13.88 15.75 -22.10
N SER A 70 -13.89 16.14 -23.37
CA SER A 70 -15.08 16.02 -24.18
C SER A 70 -15.16 14.65 -24.85
N SER A 71 -14.04 13.95 -24.87
CA SER A 71 -13.96 12.67 -25.55
C SER A 71 -14.05 11.49 -24.59
N TYR A 72 -14.19 11.79 -23.30
CA TYR A 72 -14.27 10.78 -22.23
C TYR A 72 -15.56 9.96 -22.26
N LYS A 73 -15.42 8.64 -22.21
CA LYS A 73 -16.56 7.75 -22.11
C LYS A 73 -16.49 6.99 -20.78
N HIS A 74 -17.45 7.27 -19.91
CA HIS A 74 -17.61 6.62 -18.62
C HIS A 74 -17.71 5.10 -18.73
N ASN A 75 -17.13 4.39 -17.76
CA ASN A 75 -17.34 2.95 -17.62
C ASN A 75 -17.66 2.58 -16.17
N GLY A 76 -16.72 2.85 -15.26
CA GLY A 76 -16.95 2.70 -13.83
C GLY A 76 -16.66 1.34 -13.20
N THR A 77 -16.33 0.34 -14.02
CA THR A 77 -15.93 -0.98 -13.49
C THR A 77 -14.78 -0.82 -12.50
N GLU A 78 -15.04 -1.19 -11.25
CA GLU A 78 -14.03 -1.15 -10.21
C GLU A 78 -12.94 -2.16 -10.54
N LEU A 79 -11.68 -1.71 -10.50
CA LEU A 79 -10.55 -2.62 -10.67
C LEU A 79 -9.43 -2.36 -9.67
N THR A 80 -8.72 -3.44 -9.34
CA THR A 80 -7.80 -3.51 -8.22
C THR A 80 -6.50 -4.19 -8.62
N LEU A 81 -5.38 -3.58 -8.25
CA LEU A 81 -4.06 -4.20 -8.38
C LEU A 81 -3.54 -4.53 -6.99
N ARG A 82 -3.10 -5.78 -6.82
CA ARG A 82 -2.52 -6.24 -5.56
C ARG A 82 -1.02 -6.02 -5.52
N TYR A 83 -0.61 -5.01 -4.75
CA TYR A 83 0.80 -4.70 -4.53
C TYR A 83 1.22 -5.16 -3.13
N SER A 84 2.53 -5.30 -2.90
CA SER A 84 3.03 -5.84 -1.63
C SER A 84 2.78 -4.92 -0.42
N THR A 85 2.74 -3.61 -0.66
CA THR A 85 2.60 -2.60 0.39
C THR A 85 1.14 -2.25 0.68
N GLY A 86 0.23 -2.85 -0.09
CA GLY A 86 -1.19 -2.55 -0.02
C GLY A 86 -1.87 -2.66 -1.37
N THR A 87 -3.13 -2.24 -1.44
CA THR A 87 -3.93 -2.35 -2.66
C THR A 87 -3.98 -1.03 -3.43
N VAL A 88 -3.90 -1.14 -4.76
CA VAL A 88 -4.14 -0.04 -5.68
C VAL A 88 -5.51 -0.29 -6.27
N SER A 89 -6.43 0.64 -6.11
CA SER A 89 -7.75 0.46 -6.71
C SER A 89 -8.27 1.71 -7.40
N GLY A 90 -9.20 1.50 -8.33
CA GLY A 90 -9.78 2.58 -9.09
C GLY A 90 -10.86 2.02 -9.98
N PHE A 91 -11.11 2.70 -11.10
CA PHE A 91 -12.20 2.32 -11.99
C PHE A 91 -11.84 2.56 -13.45
N LEU A 92 -12.51 1.85 -14.35
CA LEU A 92 -12.26 1.97 -15.78
C LEU A 92 -12.93 3.21 -16.35
N SER A 93 -12.17 3.90 -17.22
CA SER A 93 -12.65 5.00 -18.06
C SER A 93 -12.07 4.82 -19.46
N GLN A 94 -12.72 5.42 -20.46
CA GLN A 94 -12.16 5.43 -21.79
C GLN A 94 -11.92 6.87 -22.23
N ASP A 95 -10.81 7.10 -22.93
CA ASP A 95 -10.56 8.40 -23.52
C ASP A 95 -9.50 8.25 -24.60
N ILE A 96 -9.16 9.37 -25.24
CA ILE A 96 -8.18 9.41 -26.31
C ILE A 96 -6.80 9.62 -25.68
N ILE A 97 -5.89 8.67 -25.90
CA ILE A 97 -4.53 8.78 -25.37
C ILE A 97 -3.51 9.04 -26.49
N THR A 98 -2.76 10.11 -26.33
CA THR A 98 -1.71 10.45 -27.29
C THR A 98 -0.35 10.08 -26.71
N VAL A 99 0.40 9.29 -27.48
CA VAL A 99 1.74 8.84 -27.13
C VAL A 99 2.63 9.16 -28.33
N GLY A 100 3.56 10.08 -28.13
CA GLY A 100 4.35 10.59 -29.25
C GLY A 100 3.43 11.16 -30.31
N GLY A 101 3.55 10.64 -31.54
CA GLY A 101 2.71 11.12 -32.63
C GLY A 101 1.44 10.32 -32.84
N ILE A 102 1.09 9.47 -31.88
CA ILE A 102 0.05 8.48 -32.07
C ILE A 102 -1.15 8.71 -31.14
N THR A 103 -2.35 8.71 -31.72
CA THR A 103 -3.57 8.87 -30.94
C THR A 103 -4.34 7.55 -30.90
N VAL A 104 -4.71 7.13 -29.71
CA VAL A 104 -5.46 5.90 -29.57
C VAL A 104 -6.54 6.05 -28.51
N THR A 105 -7.74 5.58 -28.84
CA THR A 105 -8.83 5.44 -27.88
C THR A 105 -8.49 4.24 -26.99
N GLN A 106 -8.57 4.42 -25.68
CA GLN A 106 -8.02 3.43 -24.76
C GLN A 106 -8.84 3.33 -23.46
N MET A 107 -9.01 2.13 -22.92
CA MET A 107 -9.54 1.98 -21.57
C MET A 107 -8.37 2.01 -20.60
N PHE A 108 -8.54 2.75 -19.51
CA PHE A 108 -7.51 2.89 -18.49
C PHE A 108 -8.17 2.96 -17.10
N GLY A 109 -7.34 2.84 -16.07
CA GLY A 109 -7.84 2.94 -14.71
C GLY A 109 -7.55 4.31 -14.16
N GLU A 110 -8.55 4.86 -13.48
CA GLU A 110 -8.39 6.08 -12.69
C GLU A 110 -8.27 5.63 -11.26
N VAL A 111 -7.16 5.99 -10.62
CA VAL A 111 -6.86 5.48 -9.28
C VAL A 111 -7.47 6.37 -8.21
N THR A 112 -8.17 5.75 -7.27
CA THR A 112 -8.84 6.48 -6.19
C THR A 112 -8.18 6.24 -4.84
N GLU A 113 -7.44 5.13 -4.72
CA GLU A 113 -6.57 4.90 -3.56
C GLU A 113 -5.37 4.01 -3.89
N MET A 114 -4.27 4.31 -3.20
CA MET A 114 -3.00 3.60 -3.37
C MET A 114 -2.13 3.83 -2.14
N PRO A 115 -1.33 2.82 -1.74
CA PRO A 115 -0.44 2.99 -0.58
C PRO A 115 0.44 4.20 -0.74
N ALA A 116 0.78 4.86 0.37
CA ALA A 116 1.70 6.00 0.35
C ALA A 116 3.02 5.61 -0.29
N LEU A 117 3.51 4.43 0.07
CA LEU A 117 4.78 3.87 -0.42
C LEU A 117 4.55 2.68 -1.36
N PRO A 118 5.28 2.62 -2.48
CA PRO A 118 6.30 3.55 -2.96
C PRO A 118 5.77 4.75 -3.76
N PHE A 119 4.46 4.83 -3.94
CA PHE A 119 3.86 5.79 -4.88
C PHE A 119 4.14 7.28 -4.67
N MET A 120 4.35 7.69 -3.43
CA MET A 120 4.68 9.08 -3.16
C MET A 120 6.12 9.42 -3.56
N LEU A 121 6.92 8.38 -3.81
CA LEU A 121 8.33 8.55 -4.20
C LEU A 121 8.52 8.53 -5.72
N ALA A 122 7.42 8.34 -6.44
CA ALA A 122 7.48 8.40 -7.88
C ALA A 122 7.49 9.86 -8.35
N GLU A 123 8.38 10.18 -9.29
CA GLU A 123 8.43 11.52 -9.92
C GLU A 123 7.49 11.62 -11.11
N PHE A 124 6.91 10.50 -11.49
CA PHE A 124 5.98 10.41 -12.58
C PHE A 124 4.60 10.17 -11.94
N ASP A 125 3.55 10.35 -12.74
CA ASP A 125 2.17 10.31 -12.28
C ASP A 125 1.49 8.95 -12.46
N GLY A 126 1.83 8.23 -13.53
CA GLY A 126 1.21 6.94 -13.77
C GLY A 126 2.08 5.93 -14.50
N VAL A 127 1.44 4.87 -14.98
CA VAL A 127 2.10 3.82 -15.75
C VAL A 127 1.34 3.45 -17.02
N VAL A 128 2.10 3.22 -18.09
CA VAL A 128 1.58 2.64 -19.30
C VAL A 128 2.15 1.22 -19.39
N GLY A 129 1.28 0.23 -19.21
CA GLY A 129 1.69 -1.17 -19.29
C GLY A 129 1.95 -1.56 -20.73
N MET A 130 3.06 -2.25 -20.97
CA MET A 130 3.39 -2.62 -22.35
C MET A 130 3.42 -4.13 -22.51
N GLY A 131 2.88 -4.82 -21.50
CA GLY A 131 2.75 -6.26 -21.51
C GLY A 131 1.46 -6.70 -22.19
N PHE A 132 1.14 -7.99 -22.06
CA PHE A 132 0.13 -8.66 -22.86
C PHE A 132 -1.23 -8.67 -22.17
N ILE A 133 -2.29 -8.76 -22.97
CA ILE A 133 -3.65 -8.85 -22.45
C ILE A 133 -3.84 -9.95 -21.40
N GLU A 134 -3.05 -11.02 -21.51
CA GLU A 134 -3.08 -12.14 -20.55
C GLU A 134 -2.87 -11.70 -19.10
N GLN A 135 -2.07 -10.65 -18.91
CA GLN A 135 -1.73 -10.17 -17.56
C GLN A 135 -2.44 -8.87 -17.22
N ALA A 136 -3.35 -8.44 -18.10
CA ALA A 136 -4.13 -7.24 -17.90
C ALA A 136 -5.24 -7.47 -16.90
N ILE A 137 -5.31 -6.61 -15.89
CA ILE A 137 -6.39 -6.66 -14.91
C ILE A 137 -7.69 -6.25 -15.60
N GLY A 138 -8.70 -7.13 -15.52
CA GLY A 138 -10.00 -6.95 -16.16
C GLY A 138 -9.99 -7.31 -17.64
N ARG A 139 -8.96 -8.02 -18.07
CA ARG A 139 -8.65 -8.25 -19.48
C ARG A 139 -8.93 -7.02 -20.37
N VAL A 140 -8.54 -5.85 -19.86
CA VAL A 140 -8.59 -4.59 -20.60
C VAL A 140 -7.52 -4.63 -21.71
N THR A 141 -7.92 -4.31 -22.94
CA THR A 141 -7.01 -4.32 -24.06
C THR A 141 -5.85 -3.34 -23.83
N PRO A 142 -4.62 -3.87 -23.80
CA PRO A 142 -3.43 -3.05 -23.58
C PRO A 142 -3.25 -2.06 -24.69
N ILE A 143 -2.65 -0.92 -24.35
CA ILE A 143 -2.45 0.17 -25.31
C ILE A 143 -1.71 -0.27 -26.58
N PHE A 144 -0.69 -1.12 -26.46
CA PHE A 144 0.09 -1.44 -27.64
C PHE A 144 -0.69 -2.35 -28.58
N ASP A 145 -1.66 -3.09 -28.04
CA ASP A 145 -2.58 -3.88 -28.85
C ASP A 145 -3.55 -3.00 -29.64
N ASN A 146 -3.96 -1.87 -29.04
CA ASN A 146 -4.80 -0.91 -29.74
C ASN A 146 -4.01 -0.13 -30.77
N ILE A 147 -2.71 0.03 -30.54
CA ILE A 147 -1.88 0.66 -31.55
C ILE A 147 -1.65 -0.28 -32.74
N ILE A 148 -1.34 -1.55 -32.46
CA ILE A 148 -1.21 -2.57 -33.50
C ILE A 148 -2.48 -2.59 -34.40
N SER A 149 -3.66 -2.73 -33.78
CA SER A 149 -4.97 -2.70 -34.49
C SER A 149 -5.17 -1.53 -35.46
N GLN A 150 -4.51 -0.39 -35.21
CA GLN A 150 -4.59 0.78 -36.08
C GLN A 150 -3.85 0.58 -37.40
N GLY A 151 -2.87 -0.32 -37.39
CA GLY A 151 -2.03 -0.57 -38.56
C GLY A 151 -1.28 0.65 -39.08
N VAL A 152 -0.78 1.48 -38.17
CA VAL A 152 0.04 2.65 -38.53
C VAL A 152 1.56 2.44 -38.37
N LEU A 153 1.94 1.44 -37.57
CA LEU A 153 3.36 1.17 -37.28
C LEU A 153 4.10 0.52 -38.45
N LYS A 154 5.36 0.91 -38.62
CA LYS A 154 6.28 0.26 -39.54
C LYS A 154 6.47 -1.21 -39.14
N GLU A 155 6.73 -1.46 -37.86
CA GLU A 155 6.85 -2.82 -37.35
C GLU A 155 6.10 -2.94 -36.02
N ASP A 156 5.60 -4.14 -35.71
CA ASP A 156 4.93 -4.40 -34.43
C ASP A 156 5.96 -4.62 -33.31
N VAL A 157 6.78 -3.60 -33.08
CA VAL A 157 7.84 -3.64 -32.09
C VAL A 157 7.90 -2.31 -31.38
N PHE A 158 8.51 -2.31 -30.21
CA PHE A 158 8.88 -1.07 -29.54
C PHE A 158 10.20 -1.31 -28.84
N SER A 159 10.98 -0.25 -28.67
CA SER A 159 12.32 -0.35 -28.19
C SER A 159 12.59 0.65 -27.08
N PHE A 160 13.50 0.28 -26.18
CA PHE A 160 13.87 1.12 -25.05
C PHE A 160 15.35 1.49 -25.08
N TYR A 161 15.64 2.79 -24.97
CA TYR A 161 16.97 3.25 -24.60
C TYR A 161 16.86 3.94 -23.25
N TYR A 162 17.74 3.54 -22.33
CA TYR A 162 17.87 4.17 -21.03
C TYR A 162 19.33 4.64 -20.86
N ASN A 163 19.54 5.95 -20.68
CA ASN A 163 20.89 6.52 -20.46
C ASN A 163 21.34 6.35 -19.01
N ARG A 164 22.58 6.75 -18.75
CA ARG A 164 23.12 6.83 -17.40
C ARG A 164 23.04 8.29 -16.91
N ASP A 165 23.06 8.50 -15.60
CA ASP A 165 22.80 9.83 -15.04
C ASP A 165 24.09 10.59 -14.70
N SER B 1 20.82 16.70 -21.05
CA SER B 1 21.07 15.27 -21.24
C SER B 1 19.81 14.52 -21.68
N LEU B 2 19.95 13.58 -22.61
CA LEU B 2 18.84 12.68 -22.98
C LEU B 2 18.75 11.51 -22.01
N GLY B 3 17.70 11.49 -21.19
CA GLY B 3 17.52 10.49 -20.15
C GLY B 3 17.22 9.09 -20.66
N GLY B 4 16.62 9.04 -21.83
CA GLY B 4 16.20 7.78 -22.44
C GLY B 4 15.24 8.03 -23.57
N GLN B 5 14.81 6.93 -24.20
CA GLN B 5 13.96 7.00 -25.38
C GLN B 5 13.25 5.67 -25.60
N ILE B 6 11.95 5.77 -25.86
CA ILE B 6 11.18 4.64 -26.34
C ILE B 6 10.73 4.92 -27.77
N VAL B 7 10.95 3.95 -28.64
CA VAL B 7 10.47 4.00 -30.01
C VAL B 7 9.33 3.01 -30.18
N LEU B 8 8.25 3.46 -30.81
CA LEU B 8 7.12 2.60 -31.16
C LEU B 8 7.19 2.35 -32.63
N GLY B 9 7.16 1.08 -33.03
CA GLY B 9 7.19 0.74 -34.46
C GLY B 9 8.58 0.56 -35.03
N GLY B 10 9.61 0.75 -34.21
CA GLY B 10 10.98 0.50 -34.62
C GLY B 10 12.02 0.55 -33.51
N SER B 11 13.26 0.84 -33.93
CA SER B 11 14.37 1.07 -33.03
C SER B 11 15.15 2.28 -33.55
N ASP B 12 16.06 2.79 -32.73
CA ASP B 12 16.82 3.98 -33.10
C ASP B 12 18.31 3.64 -33.10
N PRO B 13 18.88 3.39 -34.29
CA PRO B 13 20.29 3.01 -34.52
C PRO B 13 21.33 3.95 -33.94
N GLN B 14 20.96 5.20 -33.67
CA GLN B 14 21.90 6.14 -33.10
C GLN B 14 22.16 5.85 -31.60
N HIS B 15 21.41 4.90 -31.03
CA HIS B 15 21.48 4.59 -29.60
C HIS B 15 21.94 3.16 -29.23
N TYR B 16 22.15 2.33 -30.24
CA TYR B 16 22.77 1.03 -30.04
C TYR B 16 23.86 0.77 -31.08
N GLU B 17 24.70 -0.21 -30.84
CA GLU B 17 25.70 -0.57 -31.82
C GLU B 17 25.70 -2.06 -32.19
N GLY B 18 26.08 -2.33 -33.43
CA GLY B 18 26.07 -3.69 -33.94
C GLY B 18 24.66 -4.11 -34.33
N ASN B 19 24.38 -5.37 -34.14
CA ASN B 19 23.09 -5.93 -34.51
C ASN B 19 22.43 -6.58 -33.31
N PHE B 20 21.11 -6.67 -33.35
CA PHE B 20 20.34 -7.30 -32.29
C PHE B 20 20.63 -8.79 -32.21
N HIS B 21 20.57 -9.33 -31.01
CA HIS B 21 20.48 -10.77 -30.83
C HIS B 21 19.17 -11.05 -30.17
N TYR B 22 18.48 -12.09 -30.64
CA TYR B 22 17.11 -12.33 -30.20
C TYR B 22 16.97 -13.60 -29.43
N ILE B 23 16.03 -13.55 -28.47
CA ILE B 23 15.63 -14.69 -27.68
C ILE B 23 14.11 -14.77 -27.77
N ASN B 24 13.60 -15.98 -28.04
CA ASN B 24 12.17 -16.25 -28.07
C ASN B 24 11.58 -16.24 -26.67
N LEU B 25 10.36 -15.76 -26.56
CA LEU B 25 9.65 -15.82 -25.28
C LEU B 25 9.35 -17.28 -24.96
N ILE B 26 9.27 -17.59 -23.67
CA ILE B 26 8.95 -18.93 -23.20
C ILE B 26 7.53 -19.28 -23.62
N LYS B 27 6.59 -18.45 -23.19
CA LYS B 27 5.21 -18.49 -23.65
C LYS B 27 4.77 -17.06 -23.92
N THR B 28 4.00 -16.86 -24.97
CA THR B 28 3.38 -15.56 -25.22
C THR B 28 2.51 -15.22 -24.01
N GLY B 29 2.24 -13.94 -23.80
CA GLY B 29 1.50 -13.55 -22.62
C GLY B 29 2.33 -12.83 -21.57
N VAL B 30 3.65 -12.97 -21.67
CA VAL B 30 4.58 -12.30 -20.76
C VAL B 30 5.94 -12.03 -21.43
N TRP B 31 6.58 -10.92 -21.07
CA TRP B 31 7.87 -10.58 -21.63
C TRP B 31 8.99 -11.25 -20.84
N GLN B 32 8.97 -12.59 -20.86
CA GLN B 32 9.91 -13.42 -20.10
C GLN B 32 10.61 -14.39 -21.05
N ILE B 33 11.92 -14.56 -20.85
CA ILE B 33 12.74 -15.46 -21.65
C ILE B 33 13.52 -16.46 -20.76
N GLN B 34 14.01 -17.53 -21.37
CA GLN B 34 14.89 -18.49 -20.66
C GLN B 34 16.27 -17.89 -20.41
N MET B 35 16.79 -18.09 -19.18
CA MET B 35 18.17 -17.76 -18.86
C MET B 35 18.97 -19.02 -18.55
N LYS B 36 20.20 -19.07 -19.04
CA LYS B 36 21.03 -20.27 -18.94
C LYS B 36 22.24 -20.11 -18.02
N GLY B 37 22.23 -19.09 -17.16
CA GLY B 37 23.31 -18.92 -16.19
C GLY B 37 23.62 -17.50 -15.81
N VAL B 38 24.22 -17.36 -14.61
CA VAL B 38 24.69 -16.09 -14.11
C VAL B 38 26.09 -16.34 -13.58
N SER B 39 27.06 -15.66 -14.17
CA SER B 39 28.45 -15.81 -13.78
C SER B 39 28.86 -14.64 -12.93
N VAL B 40 29.47 -14.94 -11.79
CA VAL B 40 30.27 -13.95 -11.08
C VAL B 40 31.71 -14.20 -11.52
N GLY B 41 32.36 -13.16 -12.04
CA GLY B 41 33.62 -13.34 -12.74
C GLY B 41 33.42 -14.34 -13.86
N SER B 42 34.21 -15.42 -13.86
CA SER B 42 34.19 -16.39 -14.96
C SER B 42 33.57 -17.75 -14.59
N SER B 43 33.00 -17.84 -13.38
CA SER B 43 32.41 -19.09 -12.90
C SER B 43 30.90 -18.98 -12.72
N THR B 44 30.17 -19.96 -13.26
CA THR B 44 28.71 -19.96 -13.22
C THR B 44 28.18 -20.33 -11.84
N LEU B 45 28.01 -19.32 -11.01
CA LEU B 45 27.53 -19.50 -9.64
C LEU B 45 26.07 -19.95 -9.57
N LEU B 46 25.24 -19.42 -10.46
CA LEU B 46 23.79 -19.53 -10.32
C LEU B 46 23.09 -19.96 -11.61
N CYS B 47 21.83 -20.37 -11.46
CA CYS B 47 20.96 -20.63 -12.61
C CYS B 47 21.62 -21.62 -13.57
N GLU B 48 22.42 -22.53 -12.99
CA GLU B 48 23.28 -23.45 -13.72
C GLU B 48 22.46 -24.45 -14.54
N ASP B 49 21.22 -24.70 -14.10
CA ASP B 49 20.30 -25.60 -14.79
C ASP B 49 19.15 -24.84 -15.44
N GLY B 50 19.40 -23.59 -15.79
CA GLY B 50 18.40 -22.74 -16.44
C GLY B 50 17.39 -22.18 -15.46
N CYS B 51 16.98 -20.94 -15.72
CA CYS B 51 15.90 -20.30 -14.97
C CYS B 51 15.22 -19.26 -15.86
N LEU B 52 14.29 -18.49 -15.30
CA LEU B 52 13.53 -17.49 -16.06
C LEU B 52 14.02 -16.06 -15.82
N ALA B 53 13.93 -15.24 -16.87
CA ALA B 53 14.26 -13.84 -16.78
C ALA B 53 13.15 -12.98 -17.39
N LEU B 54 12.66 -12.04 -16.59
CA LEU B 54 11.63 -11.10 -17.01
C LEU B 54 12.32 -9.84 -17.49
N VAL B 55 12.04 -9.40 -18.70
CA VAL B 55 12.65 -8.17 -19.16
C VAL B 55 11.69 -7.01 -18.86
N ASP B 56 11.91 -6.39 -17.70
CA ASP B 56 10.95 -5.47 -17.06
C ASP B 56 11.44 -4.02 -17.02
N THR B 57 11.03 -3.25 -18.03
CA THR B 57 11.47 -1.86 -18.18
C THR B 57 10.98 -0.92 -17.08
N GLY B 58 9.98 -1.38 -16.32
CA GLY B 58 9.42 -0.61 -15.21
C GLY B 58 10.05 -0.94 -13.87
N ALA B 59 11.09 -1.79 -13.90
CA ALA B 59 11.91 -2.06 -12.73
C ALA B 59 13.24 -1.29 -12.82
N SER B 60 13.70 -0.79 -11.68
CA SER B 60 14.91 -0.01 -11.59
C SER B 60 16.16 -0.89 -11.61
N TYR B 61 16.05 -2.08 -11.03
CA TYR B 61 17.21 -2.93 -10.78
C TYR B 61 17.15 -4.29 -11.49
N ILE B 62 18.23 -5.05 -11.35
CA ILE B 62 18.19 -6.48 -11.65
C ILE B 62 17.71 -7.14 -10.36
N SER B 63 16.69 -7.98 -10.45
CA SER B 63 16.24 -8.67 -9.25
C SER B 63 16.33 -10.18 -9.42
N GLY B 64 16.55 -10.86 -8.31
CA GLY B 64 16.47 -12.30 -8.28
C GLY B 64 15.68 -12.69 -7.05
N SER B 65 15.44 -13.99 -6.90
CA SER B 65 14.84 -14.52 -5.69
C SER B 65 15.79 -14.32 -4.52
N THR B 66 15.22 -14.17 -3.32
CA THR B 66 15.97 -14.04 -2.08
C THR B 66 17.15 -15.01 -1.95
N SER B 67 16.94 -16.29 -2.28
CA SER B 67 18.01 -17.27 -2.21
C SER B 67 19.13 -16.97 -3.19
N SER B 68 18.77 -16.69 -4.44
CA SER B 68 19.75 -16.42 -5.48
C SER B 68 20.58 -15.18 -5.19
N ILE B 69 19.95 -14.15 -4.64
CA ILE B 69 20.62 -12.89 -4.37
C ILE B 69 21.49 -12.98 -3.11
N GLU B 70 20.99 -13.64 -2.07
CA GLU B 70 21.82 -13.98 -0.90
C GLU B 70 23.16 -14.56 -1.36
N LYS B 71 23.07 -15.46 -2.33
CA LYS B 71 24.22 -16.18 -2.88
C LYS B 71 25.06 -15.27 -3.77
N LEU B 72 24.40 -14.43 -4.57
CA LEU B 72 25.10 -13.51 -5.45
C LEU B 72 25.92 -12.54 -4.61
N MET B 73 25.29 -12.03 -3.57
CA MET B 73 25.88 -11.03 -2.69
C MET B 73 26.97 -11.62 -1.79
N GLU B 74 26.76 -12.85 -1.31
CA GLU B 74 27.80 -13.61 -0.60
C GLU B 74 29.09 -13.63 -1.40
N ALA B 75 28.94 -13.76 -2.71
CA ALA B 75 30.07 -13.84 -3.61
C ALA B 75 30.70 -12.47 -3.86
N LEU B 76 29.90 -11.42 -3.66
CA LEU B 76 30.38 -10.04 -3.88
C LEU B 76 30.86 -9.39 -2.58
N GLY B 77 30.65 -10.08 -1.46
CA GLY B 77 31.03 -9.58 -0.15
C GLY B 77 30.11 -8.48 0.36
N ALA B 78 29.01 -8.28 -0.35
CA ALA B 78 28.03 -7.24 -0.05
C ALA B 78 27.26 -7.56 1.22
N LYS B 79 26.97 -6.53 2.01
CA LYS B 79 26.28 -6.71 3.29
C LYS B 79 24.80 -6.36 3.16
N LYS B 80 23.95 -7.25 3.68
CA LYS B 80 22.53 -7.00 3.68
C LYS B 80 22.16 -5.92 4.69
N ARG B 81 21.60 -4.82 4.18
CA ARG B 81 20.91 -3.84 5.02
C ARG B 81 19.44 -4.24 5.08
N LEU B 82 18.58 -3.35 5.55
CA LEU B 82 17.15 -3.66 5.63
C LEU B 82 16.59 -3.93 4.24
N PHE B 83 16.78 -2.98 3.32
CA PHE B 83 16.16 -3.06 1.99
C PHE B 83 17.15 -3.50 0.91
N ASP B 84 18.32 -2.88 0.93
CA ASP B 84 19.33 -3.05 -0.11
C ASP B 84 20.58 -3.79 0.37
N TYR B 85 21.49 -4.05 -0.56
CA TYR B 85 22.80 -4.57 -0.26
C TYR B 85 23.85 -3.48 -0.51
N VAL B 86 24.87 -3.42 0.35
CA VAL B 86 25.92 -2.42 0.20
C VAL B 86 27.32 -3.01 0.21
N VAL B 87 28.26 -2.24 -0.33
CA VAL B 87 29.68 -2.51 -0.22
C VAL B 87 30.41 -1.26 0.27
N LYS B 88 31.55 -1.46 0.92
CA LYS B 88 32.47 -0.36 1.22
C LYS B 88 32.86 0.28 -0.11
N CYS B 89 32.67 1.59 -0.21
CA CYS B 89 32.80 2.30 -1.49
C CYS B 89 34.12 2.09 -2.21
N ASN B 90 35.18 1.86 -1.44
CA ASN B 90 36.53 1.62 -1.98
C ASN B 90 36.68 0.28 -2.72
N GLU B 91 35.87 -0.70 -2.37
CA GLU B 91 35.93 -1.99 -3.07
C GLU B 91 35.04 -2.07 -4.32
N GLY B 92 34.06 -1.16 -4.42
CA GLY B 92 33.22 -1.04 -5.61
C GLY B 92 33.91 -1.25 -6.94
N PRO B 93 34.96 -0.45 -7.24
CA PRO B 93 35.63 -0.56 -8.56
C PRO B 93 36.37 -1.88 -8.79
N THR B 94 36.53 -2.69 -7.73
CA THR B 94 37.20 -3.98 -7.82
C THR B 94 36.22 -5.15 -7.84
N LEU B 95 34.93 -4.85 -7.77
CA LEU B 95 33.92 -5.90 -7.85
C LEU B 95 33.97 -6.60 -9.22
N PRO B 96 33.72 -7.92 -9.24
CA PRO B 96 33.81 -8.66 -10.48
C PRO B 96 32.67 -8.37 -11.43
N ASP B 97 32.93 -8.58 -12.72
CA ASP B 97 31.92 -8.62 -13.75
C ASP B 97 30.82 -9.60 -13.35
N ILE B 98 29.62 -9.35 -13.84
CA ILE B 98 28.50 -10.28 -13.67
C ILE B 98 27.87 -10.50 -15.04
N SER B 99 27.67 -11.77 -15.39
CA SER B 99 27.22 -12.12 -16.72
C SER B 99 25.92 -12.89 -16.71
N PHE B 100 25.06 -12.57 -17.67
CA PHE B 100 23.78 -13.23 -17.79
C PHE B 100 23.77 -13.94 -19.13
N HIS B 101 23.50 -15.23 -19.07
CA HIS B 101 23.60 -16.09 -20.25
C HIS B 101 22.23 -16.19 -20.87
N LEU B 102 22.08 -15.49 -21.99
CA LEU B 102 20.80 -15.34 -22.64
C LEU B 102 20.99 -15.59 -24.12
N GLY B 103 20.30 -16.61 -24.61
CA GLY B 103 20.43 -17.04 -26.00
C GLY B 103 21.83 -17.57 -26.30
N GLY B 104 22.43 -17.09 -27.37
CA GLY B 104 23.78 -17.54 -27.73
C GLY B 104 24.89 -16.75 -27.05
N LYS B 105 24.52 -15.79 -26.20
CA LYS B 105 25.45 -14.78 -25.70
C LYS B 105 25.51 -14.61 -24.18
N GLU B 106 26.65 -14.08 -23.73
CA GLU B 106 26.80 -13.60 -22.36
C GLU B 106 26.62 -12.08 -22.33
N TYR B 107 25.77 -11.64 -21.42
CA TYR B 107 25.54 -10.23 -21.21
C TYR B 107 26.21 -9.82 -19.91
N THR B 108 27.33 -9.14 -20.08
CA THR B 108 28.26 -8.85 -19.01
C THR B 108 28.08 -7.43 -18.50
N LEU B 109 27.76 -7.32 -17.21
CA LEU B 109 27.81 -6.05 -16.49
C LEU B 109 29.06 -5.94 -15.63
N THR B 110 29.85 -4.89 -15.84
CA THR B 110 30.99 -4.61 -14.97
C THR B 110 30.51 -3.89 -13.71
N SER B 111 31.42 -3.63 -12.77
CA SER B 111 31.10 -2.93 -11.52
C SER B 111 30.52 -1.54 -11.75
N ALA B 112 31.01 -0.85 -12.77
CA ALA B 112 30.49 0.47 -13.12
C ALA B 112 29.03 0.41 -13.55
N ASP B 113 28.58 -0.78 -13.95
CA ASP B 113 27.22 -0.98 -14.41
C ASP B 113 26.23 -1.27 -13.26
N TYR B 114 26.74 -1.71 -12.10
CA TYR B 114 25.84 -2.07 -10.99
C TYR B 114 26.17 -1.52 -9.61
N VAL B 115 27.27 -0.79 -9.49
CA VAL B 115 27.61 -0.15 -8.22
C VAL B 115 27.30 1.34 -8.26
N PHE B 116 26.47 1.81 -7.33
CA PHE B 116 26.25 3.26 -7.20
C PHE B 116 27.48 3.84 -6.50
N GLN B 117 28.44 4.26 -7.32
CA GLN B 117 29.68 4.82 -6.84
C GLN B 117 29.52 6.28 -6.41
N GLU B 118 28.92 6.49 -5.26
CA GLU B 118 28.65 7.83 -4.75
C GLU B 118 29.86 8.39 -3.98
N SER B 119 30.85 7.54 -3.75
CA SER B 119 32.08 7.89 -3.06
C SER B 119 33.10 6.80 -3.38
N TYR B 120 34.38 7.09 -3.16
CA TYR B 120 35.43 6.06 -3.23
C TYR B 120 36.08 5.82 -1.87
N SER B 121 35.35 6.13 -0.81
CA SER B 121 35.89 6.11 0.55
C SER B 121 35.53 4.86 1.34
N SER B 122 36.49 4.37 2.12
CA SER B 122 36.31 3.16 2.94
C SER B 122 35.44 3.41 4.16
N LYS B 123 35.23 4.69 4.48
CA LYS B 123 34.36 5.09 5.59
C LYS B 123 32.90 5.16 5.13
N LYS B 124 32.69 5.03 3.82
CA LYS B 124 31.36 5.18 3.21
C LYS B 124 30.85 3.87 2.59
N LEU B 125 29.52 3.69 2.61
CA LEU B 125 28.88 2.53 2.00
C LEU B 125 28.19 2.87 0.66
N CYS B 126 28.48 2.08 -0.36
CA CYS B 126 27.90 2.23 -1.68
C CYS B 126 26.89 1.11 -2.00
N THR B 127 25.75 1.50 -2.54
CA THR B 127 24.65 0.58 -2.87
C THR B 127 24.89 -0.17 -4.17
N LEU B 128 24.26 -1.33 -4.29
CA LEU B 128 24.30 -2.13 -5.50
C LEU B 128 22.96 -2.05 -6.24
N ALA B 129 23.02 -1.97 -7.57
CA ALA B 129 21.82 -1.86 -8.41
C ALA B 129 21.19 -3.23 -8.67
N ILE B 130 21.26 -4.09 -7.65
CA ILE B 130 20.70 -5.43 -7.65
C ILE B 130 20.00 -5.67 -6.31
N HIS B 131 18.75 -6.12 -6.36
N HIS B 131 18.74 -6.09 -6.35
CA HIS B 131 17.94 -6.34 -5.16
CA HIS B 131 17.99 -6.36 -5.12
C HIS B 131 17.28 -7.72 -5.21
C HIS B 131 17.19 -7.66 -5.20
N ALA B 132 16.79 -8.18 -4.05
CA ALA B 132 16.03 -9.42 -3.97
C ALA B 132 14.55 -9.10 -4.02
N MET B 133 13.85 -9.77 -4.94
CA MET B 133 12.41 -9.72 -5.01
C MET B 133 11.85 -11.09 -5.39
N ASP B 134 11.00 -11.62 -4.52
CA ASP B 134 10.30 -12.87 -4.81
C ASP B 134 9.02 -12.57 -5.59
N ILE B 135 9.06 -12.86 -6.89
CA ILE B 135 7.89 -12.66 -7.75
C ILE B 135 7.06 -13.93 -7.73
N PRO B 136 5.81 -13.82 -7.27
CA PRO B 136 4.90 -14.95 -7.11
C PRO B 136 4.39 -15.51 -8.44
N PRO B 137 4.06 -16.82 -8.47
CA PRO B 137 3.39 -17.43 -9.64
C PRO B 137 2.14 -16.65 -10.07
N PRO B 138 1.82 -16.65 -11.38
CA PRO B 138 2.42 -17.46 -12.45
C PRO B 138 3.76 -16.93 -12.99
N THR B 139 3.94 -15.62 -13.01
CA THR B 139 5.15 -15.01 -13.59
C THR B 139 6.43 -15.62 -13.01
N GLY B 140 6.54 -15.62 -11.69
CA GLY B 140 7.72 -16.11 -10.99
C GLY B 140 7.48 -17.40 -10.23
N PRO B 141 8.48 -17.85 -9.45
CA PRO B 141 9.84 -17.31 -9.29
C PRO B 141 10.59 -17.01 -10.61
N THR B 142 11.26 -15.86 -10.65
CA THR B 142 12.00 -15.41 -11.83
C THR B 142 13.01 -14.33 -11.45
N TRP B 143 14.07 -14.20 -12.25
CA TRP B 143 14.87 -12.98 -12.27
C TRP B 143 14.10 -11.90 -13.05
N ALA B 144 14.40 -10.65 -12.75
CA ALA B 144 13.88 -9.53 -13.51
C ALA B 144 15.05 -8.68 -13.95
N LEU B 145 15.17 -8.46 -15.26
CA LEU B 145 16.19 -7.59 -15.79
C LEU B 145 15.62 -6.19 -16.02
N GLY B 146 15.83 -5.29 -15.05
CA GLY B 146 15.32 -3.92 -15.12
C GLY B 146 16.28 -2.92 -15.74
N ALA B 147 16.21 -1.67 -15.29
CA ALA B 147 16.99 -0.57 -15.86
C ALA B 147 18.51 -0.79 -15.82
N THR B 148 18.99 -1.42 -14.75
CA THR B 148 20.40 -1.81 -14.61
C THR B 148 20.90 -2.53 -15.85
N PHE B 149 20.04 -3.41 -16.37
CA PHE B 149 20.36 -4.19 -17.55
C PHE B 149 20.13 -3.35 -18.81
N ILE B 150 18.94 -2.77 -18.91
CA ILE B 150 18.53 -2.03 -20.09
C ILE B 150 19.50 -0.86 -20.42
N ARG B 151 19.99 -0.17 -19.38
CA ARG B 151 21.04 0.85 -19.57
C ARG B 151 22.19 0.36 -20.47
N LYS B 152 22.67 -0.85 -20.21
CA LYS B 152 23.77 -1.39 -20.98
C LYS B 152 23.33 -1.98 -22.32
N PHE B 153 22.16 -2.61 -22.34
CA PHE B 153 21.68 -3.30 -23.52
C PHE B 153 20.36 -2.72 -24.02
N TYR B 154 20.45 -1.98 -25.12
CA TYR B 154 19.29 -1.49 -25.85
C TYR B 154 18.38 -2.70 -26.08
N THR B 155 17.10 -2.54 -25.76
CA THR B 155 16.16 -3.66 -25.81
C THR B 155 14.99 -3.41 -26.76
N GLU B 156 14.75 -4.39 -27.63
CA GLU B 156 13.61 -4.38 -28.54
C GLU B 156 12.58 -5.44 -28.16
N PHE B 157 11.32 -5.04 -28.04
CA PHE B 157 10.25 -5.97 -27.72
C PHE B 157 9.43 -6.14 -28.98
N ASP B 158 9.38 -7.38 -29.46
CA ASP B 158 8.86 -7.69 -30.79
C ASP B 158 7.63 -8.55 -30.68
N ARG B 159 6.47 -7.99 -31.03
CA ARG B 159 5.18 -8.66 -30.87
C ARG B 159 4.81 -9.53 -32.07
N ARG B 160 5.28 -9.09 -33.24
CA ARG B 160 5.15 -9.86 -34.47
C ARG B 160 5.75 -11.24 -34.32
N ASN B 161 7.01 -11.33 -33.85
CA ASN B 161 7.72 -12.61 -33.77
C ASN B 161 7.79 -13.22 -32.37
N ASN B 162 7.15 -12.58 -31.39
CA ASN B 162 7.28 -12.94 -29.97
C ASN B 162 8.72 -13.16 -29.54
N ARG B 163 9.54 -12.13 -29.72
CA ARG B 163 10.92 -12.19 -29.25
C ARG B 163 11.35 -10.90 -28.55
N ILE B 164 12.48 -10.99 -27.85
CA ILE B 164 13.15 -9.82 -27.30
C ILE B 164 14.55 -9.71 -27.89
N GLY B 165 14.92 -8.52 -28.36
CA GLY B 165 16.22 -8.31 -28.96
C GLY B 165 17.11 -7.41 -28.15
N PHE B 166 18.38 -7.81 -27.99
CA PHE B 166 19.37 -6.99 -27.27
C PHE B 166 20.54 -6.57 -28.17
N ALA B 167 20.86 -5.28 -28.14
CA ALA B 167 22.06 -4.73 -28.78
C ALA B 167 22.80 -3.85 -27.79
N LEU B 168 24.09 -3.62 -28.01
CA LEU B 168 24.90 -2.81 -27.07
C LEU B 168 24.47 -1.36 -27.15
N ALA B 169 24.05 -0.77 -26.04
CA ALA B 169 23.61 0.62 -26.06
C ALA B 169 24.80 1.55 -26.30
N ARG B 170 24.59 2.54 -27.16
CA ARG B 170 25.55 3.61 -27.41
C ARG B 170 25.21 4.84 -26.56
N HIS B 171 26.08 5.13 -25.59
CA HIS B 171 25.92 6.30 -24.74
C HIS B 171 26.86 7.43 -25.19
N LEU C 1 -19.47 28.84 25.69
CA LEU C 1 -20.84 28.68 26.25
C LEU C 1 -21.60 27.68 25.40
N THR C 2 -22.29 26.77 26.08
CA THR C 2 -23.11 25.76 25.45
C THR C 2 -24.51 25.72 26.05
N LEU C 3 -25.39 25.00 25.39
CA LEU C 3 -26.76 24.78 25.83
C LEU C 3 -27.04 23.27 25.79
N GLY C 4 -25.97 22.46 25.89
CA GLY C 4 -25.90 21.07 25.35
C GLY C 4 -27.26 20.59 24.93
N ASN C 5 -27.74 20.94 23.73
CA ASN C 5 -27.34 20.47 22.39
C ASN C 5 -26.01 20.55 21.57
N THR C 6 -24.81 20.62 22.15
CA THR C 6 -23.62 20.70 21.25
C THR C 6 -22.89 19.38 20.92
N THR C 7 -22.67 19.14 19.62
CA THR C 7 -21.80 18.04 19.15
C THR C 7 -20.76 18.50 18.11
N SER C 8 -19.73 17.69 17.89
CA SER C 8 -18.86 17.89 16.73
C SER C 8 -18.50 16.57 16.07
N SER C 9 -18.01 16.65 14.84
CA SER C 9 -17.67 15.44 14.12
C SER C 9 -16.35 15.51 13.35
N VAL C 10 -15.74 14.34 13.19
CA VAL C 10 -14.53 14.16 12.42
C VAL C 10 -14.84 13.21 11.26
N ILE C 11 -14.61 13.67 10.03
CA ILE C 11 -14.74 12.87 8.83
C ILE C 11 -13.53 11.96 8.69
N LEU C 12 -13.77 10.69 8.42
CA LEU C 12 -12.66 9.73 8.25
C LEU C 12 -12.48 9.33 6.80
N THR C 13 -11.25 9.02 6.44
CA THR C 13 -10.94 8.41 5.16
C THR C 13 -10.82 6.90 5.37
N ASN C 14 -11.33 6.14 4.40
CA ASN C 14 -11.23 4.70 4.45
C ASN C 14 -10.18 4.18 3.47
N TYR C 15 -9.04 3.74 4.01
CA TYR C 15 -8.01 3.13 3.20
C TYR C 15 -8.13 1.60 3.15
N MET C 16 -8.70 1.12 2.06
CA MET C 16 -8.83 -0.30 1.73
C MET C 16 -9.54 -1.16 2.79
N ASP C 17 -10.46 -0.55 3.53
CA ASP C 17 -11.21 -1.23 4.60
C ASP C 17 -10.34 -1.70 5.78
N THR C 18 -9.14 -1.11 5.93
CA THR C 18 -8.20 -1.54 6.99
C THR C 18 -7.67 -0.37 7.81
N GLN C 19 -7.72 0.83 7.24
CA GLN C 19 -7.24 2.01 7.93
C GLN C 19 -8.30 3.10 7.80
N TYR C 20 -8.72 3.61 8.95
CA TYR C 20 -9.71 4.65 9.01
C TYR C 20 -9.11 5.78 9.83
N TYR C 21 -8.87 6.91 9.17
CA TYR C 21 -8.17 8.01 9.84
C TYR C 21 -8.78 9.34 9.48
N GLY C 22 -8.63 10.28 10.40
CA GLY C 22 -9.04 11.65 10.18
C GLY C 22 -7.89 12.58 10.49
N GLU C 23 -8.21 13.87 10.55
CA GLU C 23 -7.22 14.89 10.81
C GLU C 23 -7.49 15.66 12.10
N ILE C 24 -6.40 15.89 12.85
CA ILE C 24 -6.38 16.80 13.98
C ILE C 24 -5.28 17.87 13.79
N GLY C 25 -5.44 19.02 14.42
CA GLY C 25 -4.37 20.02 14.47
C GLY C 25 -3.65 19.95 15.80
N ILE C 26 -2.33 20.10 15.77
CA ILE C 26 -1.53 20.30 16.98
C ILE C 26 -0.70 21.58 16.84
N GLY C 27 -0.79 22.47 17.84
CA GLY C 27 0.04 23.68 17.87
C GLY C 27 -0.57 24.96 17.35
N THR C 28 0.15 26.07 17.56
CA THR C 28 -0.23 27.40 17.07
C THR C 28 0.89 27.98 16.17
N PRO C 29 0.67 28.04 14.85
CA PRO C 29 -0.58 27.69 14.18
C PRO C 29 -0.64 26.16 13.97
N PRO C 30 -1.81 25.61 13.62
CA PRO C 30 -1.95 24.15 13.65
C PRO C 30 -1.08 23.41 12.63
N GLN C 31 -0.40 22.37 13.12
CA GLN C 31 0.24 21.37 12.29
C GLN C 31 -0.72 20.17 12.16
N THR C 32 -1.16 19.89 10.93
CA THR C 32 -2.16 18.84 10.68
C THR C 32 -1.56 17.43 10.65
N PHE C 33 -2.20 16.50 11.34
CA PHE C 33 -1.82 15.08 11.29
C PHE C 33 -3.00 14.21 10.93
N LYS C 34 -2.78 13.23 10.06
CA LYS C 34 -3.74 12.15 9.88
C LYS C 34 -3.58 11.18 11.05
N VAL C 35 -4.70 10.83 11.68
CA VAL C 35 -4.66 9.98 12.87
C VAL C 35 -5.78 8.94 12.90
N VAL C 36 -5.49 7.80 13.51
CA VAL C 36 -6.52 6.82 13.84
C VAL C 36 -7.06 7.12 15.22
N PHE C 37 -8.37 6.98 15.38
CA PHE C 37 -9.00 7.13 16.68
C PHE C 37 -9.25 5.75 17.27
N ASP C 38 -8.52 5.45 18.35
CA ASP C 38 -8.30 4.08 18.79
C ASP C 38 -8.82 3.80 20.19
N THR C 39 -9.87 2.99 20.29
CA THR C 39 -10.48 2.70 21.58
C THR C 39 -9.71 1.64 22.34
N GLY C 40 -8.72 1.06 21.66
CA GLY C 40 -7.83 0.07 22.27
C GLY C 40 -6.55 0.64 22.82
N SER C 41 -6.47 1.97 22.90
CA SER C 41 -5.34 2.69 23.52
C SER C 41 -5.78 4.06 24.06
N SER C 42 -4.94 4.71 24.87
CA SER C 42 -5.41 5.89 25.62
C SER C 42 -4.58 7.16 25.48
N ASN C 43 -3.57 7.10 24.60
CA ASN C 43 -2.60 8.18 24.44
C ASN C 43 -2.69 8.78 23.06
N VAL C 44 -2.31 10.05 22.95
CA VAL C 44 -2.08 10.67 21.66
C VAL C 44 -0.59 10.53 21.33
N TRP C 45 -0.27 9.87 20.22
CA TRP C 45 1.11 9.85 19.72
C TRP C 45 1.17 10.44 18.32
N VAL C 46 2.16 11.31 18.10
CA VAL C 46 2.58 11.67 16.75
C VAL C 46 4.12 11.61 16.68
N PRO C 47 4.68 11.39 15.46
CA PRO C 47 6.14 11.39 15.31
C PRO C 47 6.75 12.75 15.63
N SER C 48 7.91 12.73 16.28
CA SER C 48 8.64 13.94 16.60
C SER C 48 9.56 14.37 15.46
N SER C 49 9.80 15.67 15.34
CA SER C 49 10.84 16.18 14.45
C SER C 49 12.22 15.79 14.95
N LYS C 50 12.27 15.28 16.18
CA LYS C 50 13.49 14.79 16.81
C LYS C 50 13.64 13.27 16.67
N CYS C 51 12.86 12.68 15.76
CA CYS C 51 13.05 11.30 15.36
C CYS C 51 14.10 11.30 14.24
N SER C 52 15.13 10.47 14.40
CA SER C 52 16.21 10.39 13.41
C SER C 52 15.69 9.96 12.05
N ARG C 53 16.32 10.46 11.00
CA ARG C 53 16.10 9.95 9.65
C ARG C 53 16.46 8.46 9.57
N LEU C 54 17.04 7.96 10.66
CA LEU C 54 17.48 6.58 10.75
C LEU C 54 16.32 5.60 10.99
N TYR C 55 15.19 6.11 11.48
CA TYR C 55 13.97 5.31 11.59
C TYR C 55 13.09 5.52 10.35
N THR C 56 12.76 4.41 9.67
CA THR C 56 12.10 4.48 8.37
C THR C 56 10.67 5.03 8.46
N ALA C 57 9.99 4.71 9.57
CA ALA C 57 8.64 5.16 9.80
C ALA C 57 8.56 6.66 10.05
N CYS C 58 9.70 7.29 10.34
CA CYS C 58 9.77 8.71 10.61
C CYS C 58 10.06 9.57 9.37
N VAL C 59 10.87 9.06 8.45
CA VAL C 59 11.24 9.83 7.25
C VAL C 59 10.03 10.11 6.35
N TYR C 60 9.07 9.19 6.35
CA TYR C 60 7.96 9.28 5.40
C TYR C 60 6.63 9.81 5.98
N HIS C 61 6.56 10.01 7.29
CA HIS C 61 5.36 10.56 7.92
C HIS C 61 5.56 12.00 8.36
N LYS C 62 4.47 12.72 8.55
CA LYS C 62 4.56 14.09 9.06
C LYS C 62 5.11 14.09 10.49
N LEU C 63 5.96 15.07 10.77
CA LEU C 63 6.64 15.17 12.04
C LEU C 63 6.20 16.45 12.75
N PHE C 64 6.04 16.35 14.06
CA PHE C 64 5.71 17.53 14.86
C PHE C 64 6.95 18.39 15.16
N ASP C 65 6.94 19.62 14.64
CA ASP C 65 7.97 20.63 14.95
C ASP C 65 7.50 21.52 16.09
N ALA C 66 8.01 21.26 17.29
CA ALA C 66 7.63 21.98 18.51
C ALA C 66 8.05 23.45 18.47
N SER C 67 9.19 23.72 17.85
CA SER C 67 9.73 25.07 17.75
C SER C 67 8.90 26.00 16.86
N ASP C 68 7.94 25.44 16.12
CA ASP C 68 7.05 26.26 15.29
C ASP C 68 5.72 26.61 15.96
N SER C 69 5.40 25.92 17.06
CA SER C 69 4.18 26.19 17.81
C SER C 69 4.43 27.20 18.94
N SER C 70 3.72 28.31 18.91
CA SER C 70 3.85 29.35 19.95
C SER C 70 3.17 28.95 21.26
N SER C 71 2.29 27.93 21.19
CA SER C 71 1.55 27.44 22.35
C SER C 71 2.17 26.19 22.98
N TYR C 72 3.25 25.68 22.38
CA TYR C 72 3.91 24.47 22.88
C TYR C 72 4.53 24.65 24.27
N LYS C 73 4.43 23.62 25.10
CA LYS C 73 5.10 23.60 26.39
C LYS C 73 5.87 22.30 26.57
N HIS C 74 7.13 22.45 26.95
CA HIS C 74 8.04 21.33 27.15
C HIS C 74 7.65 20.55 28.40
N ASN C 75 7.83 19.23 28.35
CA ASN C 75 7.67 18.40 29.53
C ASN C 75 8.89 17.48 29.61
N GLY C 76 8.98 16.52 28.69
CA GLY C 76 10.16 15.72 28.55
C GLY C 76 10.11 14.34 29.18
N THR C 77 9.10 14.11 30.03
CA THR C 77 8.94 12.79 30.64
C THR C 77 8.94 11.76 29.53
N GLU C 78 9.92 10.87 29.57
CA GLU C 78 10.06 9.82 28.58
C GLU C 78 9.00 8.76 28.81
N LEU C 79 8.45 8.24 27.73
CA LEU C 79 7.42 7.21 27.82
C LEU C 79 7.52 6.18 26.71
N THR C 80 7.12 4.96 27.04
CA THR C 80 7.42 3.79 26.23
C THR C 80 6.19 2.90 26.05
N LEU C 81 6.09 2.31 24.86
CA LEU C 81 5.04 1.37 24.52
C LEU C 81 5.69 0.07 24.06
N ARG C 82 5.21 -1.06 24.58
CA ARG C 82 5.69 -2.37 24.14
C ARG C 82 4.84 -2.93 23.00
N TYR C 83 5.49 -3.25 21.89
CA TYR C 83 4.79 -3.66 20.66
C TYR C 83 5.49 -4.83 19.96
N SER C 84 4.71 -5.82 19.53
CA SER C 84 5.21 -7.08 18.97
C SER C 84 6.47 -7.02 18.12
N THR C 85 6.57 -5.97 17.29
CA THR C 85 7.63 -5.86 16.28
C THR C 85 8.77 -4.92 16.69
N GLY C 86 8.74 -4.47 17.94
CA GLY C 86 9.75 -3.55 18.45
C GLY C 86 9.23 -2.68 19.58
N THR C 87 9.76 -1.47 19.69
CA THR C 87 9.36 -0.57 20.77
C THR C 87 9.12 0.84 20.28
N VAL C 88 7.96 1.37 20.64
CA VAL C 88 7.66 2.77 20.44
C VAL C 88 8.00 3.52 21.73
N SER C 89 8.83 4.54 21.61
CA SER C 89 9.20 5.34 22.76
C SER C 89 9.36 6.78 22.35
N GLY C 90 9.31 7.68 23.33
CA GLY C 90 9.40 9.11 23.07
C GLY C 90 9.15 9.91 24.33
N PHE C 91 8.78 11.17 24.16
CA PHE C 91 8.66 12.06 25.30
C PHE C 91 7.34 12.83 25.31
N LEU C 92 6.91 13.22 26.51
CA LEU C 92 5.72 14.00 26.69
C LEU C 92 5.92 15.43 26.24
N SER C 93 4.94 15.95 25.51
CA SER C 93 4.84 17.36 25.25
C SER C 93 3.41 17.79 25.57
N GLN C 94 3.21 19.09 25.75
CA GLN C 94 1.87 19.64 25.94
C GLN C 94 1.66 20.69 24.87
N ASP C 95 0.45 20.72 24.30
CA ASP C 95 0.09 21.70 23.29
C ASP C 95 -1.41 21.69 23.05
N ILE C 96 -1.87 22.63 22.22
CA ILE C 96 -3.27 22.72 21.83
C ILE C 96 -3.56 21.80 20.65
N ILE C 97 -4.49 20.88 20.87
CA ILE C 97 -4.94 19.97 19.82
C ILE C 97 -6.35 20.36 19.42
N THR C 98 -6.56 20.59 18.14
CA THR C 98 -7.89 20.82 17.60
C THR C 98 -8.43 19.55 16.95
N VAL C 99 -9.51 19.03 17.54
CA VAL C 99 -10.23 17.88 17.00
C VAL C 99 -11.66 18.29 16.67
N GLY C 100 -12.04 18.17 15.40
CA GLY C 100 -13.39 18.51 14.94
C GLY C 100 -13.83 19.91 15.30
N GLY C 101 -12.89 20.86 15.31
CA GLY C 101 -13.17 22.24 15.67
C GLY C 101 -13.06 22.51 17.17
N ILE C 102 -12.96 21.46 17.97
CA ILE C 102 -12.81 21.59 19.41
C ILE C 102 -11.34 21.81 19.73
N THR C 103 -11.06 22.84 20.51
CA THR C 103 -9.71 23.18 20.93
C THR C 103 -9.47 22.66 22.35
N VAL C 104 -8.40 21.88 22.52
CA VAL C 104 -8.11 21.31 23.82
C VAL C 104 -6.60 21.24 24.08
N THR C 105 -6.22 21.72 25.28
CA THR C 105 -4.85 21.58 25.76
C THR C 105 -4.63 20.12 26.15
N GLN C 106 -3.63 19.50 25.53
CA GLN C 106 -3.45 18.05 25.65
C GLN C 106 -1.98 17.66 25.80
N MET C 107 -1.73 16.69 26.66
CA MET C 107 -0.42 16.04 26.75
C MET C 107 -0.40 14.88 25.79
N PHE C 108 0.62 14.86 24.93
CA PHE C 108 0.75 13.86 23.89
C PHE C 108 2.18 13.37 23.80
N GLY C 109 2.36 12.17 23.27
CA GLY C 109 3.68 11.65 23.03
C GLY C 109 4.22 12.09 21.68
N GLU C 110 5.42 12.66 21.70
CA GLU C 110 6.22 12.83 20.51
C GLU C 110 7.09 11.58 20.38
N VAL C 111 6.95 10.86 19.27
CA VAL C 111 7.67 9.60 19.07
C VAL C 111 9.01 9.86 18.40
N THR C 112 10.08 9.36 19.01
CA THR C 112 11.43 9.57 18.49
C THR C 112 12.09 8.26 18.07
N GLU C 113 11.43 7.15 18.38
CA GLU C 113 11.87 5.87 17.88
C GLU C 113 10.75 4.85 17.82
N MET C 114 10.66 4.17 16.68
CA MET C 114 9.66 3.11 16.45
C MET C 114 10.15 2.14 15.37
N PRO C 115 9.69 0.87 15.43
CA PRO C 115 10.01 -0.10 14.38
C PRO C 115 9.48 0.28 12.99
N ALA C 116 10.11 -0.26 11.97
CA ALA C 116 9.76 0.02 10.58
C ALA C 116 8.41 -0.58 10.19
N LEU C 117 8.09 -1.74 10.76
CA LEU C 117 6.83 -2.42 10.48
C LEU C 117 5.95 -2.56 11.72
N PRO C 118 4.62 -2.33 11.58
CA PRO C 118 3.90 -1.94 10.36
C PRO C 118 3.88 -0.45 10.12
N PHE C 119 4.56 0.30 10.98
CA PHE C 119 4.42 1.76 11.03
C PHE C 119 4.72 2.51 9.74
N MET C 120 5.83 2.19 9.07
CA MET C 120 6.18 2.91 7.84
C MET C 120 5.07 2.78 6.80
N LEU C 121 4.38 1.64 6.82
CA LEU C 121 3.30 1.34 5.88
C LEU C 121 1.90 1.87 6.27
N ALA C 122 1.82 2.61 7.38
CA ALA C 122 0.59 3.30 7.78
C ALA C 122 0.38 4.53 6.92
N GLU C 123 -0.88 4.77 6.52
CA GLU C 123 -1.26 5.96 5.74
C GLU C 123 -1.39 7.20 6.62
N PHE C 124 -1.65 6.96 7.90
CA PHE C 124 -1.84 8.03 8.88
C PHE C 124 -0.52 8.31 9.61
N ASP C 125 -0.41 9.47 10.23
CA ASP C 125 0.82 9.86 10.92
C ASP C 125 0.83 9.48 12.40
N GLY C 126 -0.33 9.27 12.99
CA GLY C 126 -0.37 8.94 14.41
C GLY C 126 -1.69 8.42 14.93
N VAL C 127 -1.88 8.58 16.23
CA VAL C 127 -2.93 7.87 16.95
C VAL C 127 -3.50 8.75 18.03
N VAL C 128 -4.82 8.74 18.13
CA VAL C 128 -5.55 9.35 19.23
C VAL C 128 -6.21 8.20 19.98
N GLY C 129 -5.73 7.94 21.20
CA GLY C 129 -6.34 6.92 22.04
C GLY C 129 -7.63 7.40 22.68
N MET C 130 -8.70 6.61 22.50
CA MET C 130 -10.05 6.92 23.01
C MET C 130 -10.42 5.98 24.17
N GLY C 131 -9.42 5.27 24.67
CA GLY C 131 -9.59 4.39 25.81
C GLY C 131 -9.57 5.18 27.09
N PHE C 132 -9.55 4.46 28.21
CA PHE C 132 -9.64 5.07 29.53
C PHE C 132 -8.27 5.43 30.09
N ILE C 133 -8.26 6.35 31.05
CA ILE C 133 -7.01 6.76 31.71
C ILE C 133 -6.30 5.62 32.44
N GLU C 134 -7.06 4.60 32.84
CA GLU C 134 -6.51 3.42 33.51
C GLU C 134 -5.51 2.65 32.64
N GLN C 135 -5.46 3.01 31.35
CA GLN C 135 -4.60 2.30 30.40
C GLN C 135 -3.68 3.27 29.67
N ALA C 136 -3.74 4.54 30.07
CA ALA C 136 -2.88 5.57 29.50
C ALA C 136 -1.46 5.38 30.01
N ILE C 137 -0.51 5.30 29.08
CA ILE C 137 0.90 5.20 29.44
C ILE C 137 1.33 6.50 30.11
N GLY C 138 1.98 6.37 31.27
CA GLY C 138 2.40 7.52 32.07
C GLY C 138 1.25 8.21 32.77
N ARG C 139 0.12 7.51 32.85
CA ARG C 139 -1.17 8.02 33.37
C ARG C 139 -1.58 9.42 32.88
N VAL C 140 -1.27 9.71 31.61
CA VAL C 140 -1.67 10.96 30.97
C VAL C 140 -3.19 11.02 30.76
N THR C 141 -3.78 12.18 30.95
CA THR C 141 -5.21 12.37 30.75
C THR C 141 -5.57 12.31 29.27
N PRO C 142 -6.36 11.28 28.87
CA PRO C 142 -6.70 11.11 27.45
C PRO C 142 -7.52 12.28 26.94
N ILE C 143 -7.46 12.52 25.64
CA ILE C 143 -8.06 13.71 25.03
C ILE C 143 -9.57 13.81 25.28
N PHE C 144 -10.26 12.68 25.24
CA PHE C 144 -11.72 12.70 25.46
C PHE C 144 -12.11 13.18 26.85
N ASP C 145 -11.35 12.77 27.88
CA ASP C 145 -11.56 13.21 29.27
C ASP C 145 -11.42 14.72 29.39
N ASN C 146 -10.36 15.27 28.81
CA ASN C 146 -10.16 16.71 28.74
C ASN C 146 -11.28 17.43 28.01
N ILE C 147 -11.85 16.79 26.99
CA ILE C 147 -12.97 17.39 26.24
C ILE C 147 -14.25 17.31 27.08
N ILE C 148 -14.43 16.20 27.82
CA ILE C 148 -15.52 16.07 28.80
C ILE C 148 -15.46 17.20 29.80
N SER C 149 -14.25 17.51 30.29
CA SER C 149 -14.03 18.50 31.35
C SER C 149 -14.50 19.90 30.98
N GLN C 150 -14.55 20.19 29.69
CA GLN C 150 -14.90 21.53 29.21
C GLN C 150 -16.40 21.76 29.28
N GLY C 151 -17.14 20.69 29.56
CA GLY C 151 -18.61 20.70 29.59
C GLY C 151 -19.27 21.20 28.30
N VAL C 152 -18.62 20.92 27.16
CA VAL C 152 -19.12 21.39 25.86
C VAL C 152 -20.11 20.43 25.17
N LEU C 153 -19.92 19.13 25.38
CA LEU C 153 -20.67 18.13 24.64
C LEU C 153 -22.05 17.78 25.27
N LYS C 154 -23.07 17.65 24.43
CA LYS C 154 -24.40 17.14 24.80
C LYS C 154 -24.30 15.95 25.77
N GLU C 155 -23.52 14.94 25.40
CA GLU C 155 -23.39 13.72 26.20
C GLU C 155 -21.93 13.30 26.34
N ASP C 156 -21.65 12.49 27.37
CA ASP C 156 -20.35 11.87 27.52
C ASP C 156 -20.26 10.58 26.70
N VAL C 157 -20.45 10.74 25.40
CA VAL C 157 -20.40 9.61 24.48
C VAL C 157 -19.72 10.03 23.17
N PHE C 158 -19.15 9.04 22.49
CA PHE C 158 -18.67 9.23 21.12
C PHE C 158 -19.02 7.99 20.29
N SER C 159 -19.10 8.16 18.99
CA SER C 159 -19.67 7.15 18.12
C SER C 159 -18.85 6.96 16.86
N PHE C 160 -18.82 5.74 16.34
CA PHE C 160 -18.04 5.42 15.16
C PHE C 160 -18.91 4.91 13.99
N TYR C 161 -18.82 5.61 12.88
CA TYR C 161 -19.36 5.10 11.64
C TYR C 161 -18.19 4.80 10.72
N TYR C 162 -18.01 3.52 10.39
CA TYR C 162 -17.07 3.10 9.35
C TYR C 162 -17.87 2.62 8.12
N ASN C 163 -17.53 3.14 6.94
CA ASN C 163 -18.21 2.76 5.70
C ASN C 163 -17.47 1.60 5.05
N ARG C 164 -18.10 1.01 4.03
CA ARG C 164 -17.45 0.03 3.16
C ARG C 164 -16.63 0.78 2.09
N ASP C 165 -15.48 0.22 1.72
CA ASP C 165 -14.51 0.87 0.83
C ASP C 165 -15.11 1.50 -0.43
N SER D 1 -17.91 9.03 -1.90
CA SER D 1 -18.44 8.41 -0.69
C SER D 1 -17.72 8.87 0.59
N LEU D 2 -18.39 8.71 1.73
CA LEU D 2 -17.83 9.02 3.03
C LEU D 2 -17.10 7.80 3.58
N GLY D 3 -15.85 7.97 4.01
CA GLY D 3 -15.05 6.85 4.49
C GLY D 3 -15.50 6.33 5.84
N GLY D 4 -15.94 7.26 6.68
CA GLY D 4 -16.23 7.00 8.06
C GLY D 4 -16.48 8.33 8.75
N GLN D 5 -16.97 8.26 9.98
CA GLN D 5 -17.26 9.44 10.75
C GLN D 5 -17.25 9.14 12.24
N ILE D 6 -16.63 10.01 13.02
CA ILE D 6 -16.83 9.97 14.47
C ILE D 6 -17.54 11.20 15.02
N VAL D 7 -18.52 10.95 15.88
CA VAL D 7 -19.28 12.02 16.50
C VAL D 7 -18.91 12.10 17.98
N LEU D 8 -18.50 13.28 18.41
CA LEU D 8 -18.25 13.57 19.81
C LEU D 8 -19.48 14.27 20.36
N GLY D 9 -20.00 13.69 21.45
CA GLY D 9 -21.17 14.21 22.12
C GLY D 9 -22.50 13.59 21.73
N GLY D 10 -22.47 12.55 20.90
CA GLY D 10 -23.71 11.94 20.40
C GLY D 10 -23.48 10.92 19.29
N SER D 11 -24.49 10.75 18.43
CA SER D 11 -24.43 9.82 17.32
C SER D 11 -25.16 10.42 16.12
N ASP D 12 -24.82 9.98 14.92
CA ASP D 12 -25.42 10.56 13.71
C ASP D 12 -26.48 9.63 13.10
N PRO D 13 -27.78 9.97 13.30
CA PRO D 13 -28.93 9.18 12.87
C PRO D 13 -28.94 8.84 11.39
N GLN D 14 -28.36 9.70 10.57
CA GLN D 14 -28.25 9.44 9.14
C GLN D 14 -27.31 8.27 8.78
N HIS D 15 -26.58 7.74 9.77
CA HIS D 15 -25.61 6.65 9.53
C HIS D 15 -25.88 5.33 10.24
N TYR D 16 -26.97 5.28 11.01
CA TYR D 16 -27.47 4.00 11.48
C TYR D 16 -28.98 3.87 11.28
N GLU D 17 -29.51 2.68 11.48
CA GLU D 17 -30.95 2.50 11.50
C GLU D 17 -31.42 1.66 12.67
N GLY D 18 -32.70 1.82 12.97
CA GLY D 18 -33.28 1.23 14.14
C GLY D 18 -32.79 1.97 15.35
N ASN D 19 -32.59 1.21 16.42
CA ASN D 19 -32.28 1.78 17.71
C ASN D 19 -31.05 1.09 18.24
N PHE D 20 -30.37 1.74 19.19
CA PHE D 20 -29.23 1.14 19.85
C PHE D 20 -29.68 0.14 20.89
N HIS D 21 -28.96 -0.98 20.94
CA HIS D 21 -29.07 -1.87 22.06
C HIS D 21 -27.68 -1.89 22.68
N TYR D 22 -27.66 -1.86 24.02
CA TYR D 22 -26.45 -1.58 24.76
C TYR D 22 -25.98 -2.78 25.54
N ILE D 23 -24.66 -2.82 25.81
CA ILE D 23 -24.05 -3.88 26.61
C ILE D 23 -23.12 -3.17 27.58
N ASN D 24 -23.28 -3.44 28.88
CA ASN D 24 -22.43 -2.81 29.90
C ASN D 24 -21.03 -3.38 29.86
N LEU D 25 -20.07 -2.54 30.20
CA LEU D 25 -18.68 -2.98 30.32
C LEU D 25 -18.54 -3.92 31.50
N ILE D 26 -17.64 -4.90 31.35
CA ILE D 26 -17.31 -5.84 32.42
C ILE D 26 -16.81 -5.06 33.63
N LYS D 27 -15.85 -4.18 33.37
CA LYS D 27 -15.36 -3.21 34.33
C LYS D 27 -14.89 -1.97 33.59
N THR D 28 -15.10 -0.81 34.19
CA THR D 28 -14.57 0.44 33.64
C THR D 28 -13.05 0.30 33.41
N GLY D 29 -12.49 1.16 32.56
CA GLY D 29 -11.06 1.14 32.31
C GLY D 29 -10.67 0.55 30.96
N VAL D 30 -11.58 -0.25 30.40
CA VAL D 30 -11.35 -0.92 29.12
C VAL D 30 -12.68 -1.08 28.36
N TRP D 31 -12.66 -0.80 27.05
CA TRP D 31 -13.86 -0.93 26.22
C TRP D 31 -14.11 -2.39 25.86
N GLN D 32 -14.45 -3.18 26.88
CA GLN D 32 -14.54 -4.63 26.76
C GLN D 32 -15.81 -5.14 27.40
N ILE D 33 -16.50 -6.01 26.68
CA ILE D 33 -17.80 -6.50 27.10
C ILE D 33 -17.81 -8.03 27.11
N GLN D 34 -18.79 -8.59 27.81
CA GLN D 34 -19.01 -10.04 27.82
C GLN D 34 -19.63 -10.47 26.50
N MET D 35 -19.14 -11.60 25.99
CA MET D 35 -19.71 -12.26 24.81
C MET D 35 -20.28 -13.62 25.22
N LYS D 36 -21.45 -13.97 24.69
CA LYS D 36 -22.16 -15.16 25.14
C LYS D 36 -22.19 -16.30 24.12
N GLY D 37 -21.49 -16.14 22.99
CA GLY D 37 -21.46 -17.19 21.97
C GLY D 37 -21.28 -16.72 20.55
N VAL D 38 -20.45 -17.46 19.80
CA VAL D 38 -20.29 -17.24 18.36
C VAL D 38 -20.92 -18.41 17.60
N SER D 39 -21.93 -18.10 16.79
CA SER D 39 -22.63 -19.09 16.00
C SER D 39 -22.19 -19.02 14.55
N VAL D 40 -21.95 -20.19 13.97
CA VAL D 40 -21.85 -20.35 12.52
C VAL D 40 -23.16 -20.98 12.07
N GLY D 41 -23.78 -20.41 11.03
CA GLY D 41 -25.13 -20.80 10.63
C GLY D 41 -26.12 -20.50 11.75
N SER D 42 -26.94 -21.49 12.08
CA SER D 42 -27.90 -21.36 13.18
C SER D 42 -27.54 -22.29 14.36
N SER D 43 -26.24 -22.52 14.55
CA SER D 43 -25.76 -23.36 15.65
C SER D 43 -24.52 -22.78 16.34
N THR D 44 -24.62 -22.58 17.65
CA THR D 44 -23.54 -21.95 18.42
C THR D 44 -22.33 -22.86 18.55
N LEU D 45 -21.32 -22.57 17.72
CA LEU D 45 -20.10 -23.36 17.65
C LEU D 45 -19.07 -22.98 18.72
N LEU D 46 -18.95 -21.69 19.02
CA LEU D 46 -17.91 -21.17 19.91
C LEU D 46 -18.44 -20.33 21.08
N CYS D 47 -17.57 -20.09 22.05
CA CYS D 47 -17.82 -19.19 23.17
C CYS D 47 -19.10 -19.54 23.95
N GLU D 48 -19.36 -20.84 24.10
CA GLU D 48 -20.57 -21.35 24.76
C GLU D 48 -20.56 -21.15 26.29
N ASP D 49 -19.39 -20.92 26.86
CA ASP D 49 -19.30 -20.63 28.31
C ASP D 49 -18.96 -19.17 28.59
N GLY D 50 -19.00 -18.35 27.53
CA GLY D 50 -18.71 -16.93 27.64
C GLY D 50 -17.24 -16.61 27.42
N CYS D 51 -17.01 -15.59 26.59
CA CYS D 51 -15.66 -15.05 26.39
C CYS D 51 -15.74 -13.52 26.42
N LEU D 52 -14.61 -12.86 26.22
CA LEU D 52 -14.55 -11.40 26.24
C LEU D 52 -14.48 -10.84 24.82
N ALA D 53 -15.05 -9.65 24.63
CA ALA D 53 -14.98 -8.96 23.36
C ALA D 53 -14.53 -7.54 23.59
N LEU D 54 -13.31 -7.22 23.16
CA LEU D 54 -12.82 -5.86 23.14
C LEU D 54 -13.42 -5.16 21.93
N VAL D 55 -13.92 -3.94 22.10
CA VAL D 55 -14.41 -3.17 20.94
C VAL D 55 -13.37 -2.11 20.57
N ASP D 56 -12.59 -2.45 19.55
CA ASP D 56 -11.32 -1.78 19.25
C ASP D 56 -11.37 -1.08 17.90
N THR D 57 -11.59 0.24 17.93
CA THR D 57 -11.74 1.02 16.70
C THR D 57 -10.42 1.17 15.94
N GLY D 58 -9.31 0.81 16.59
CA GLY D 58 -7.99 0.83 15.98
C GLY D 58 -7.60 -0.46 15.30
N ALA D 59 -8.32 -1.54 15.61
CA ALA D 59 -8.09 -2.82 14.95
C ALA D 59 -8.75 -2.87 13.58
N SER D 60 -8.09 -3.55 12.65
CA SER D 60 -8.60 -3.68 11.30
C SER D 60 -9.68 -4.73 11.18
N TYR D 61 -9.55 -5.80 11.96
CA TYR D 61 -10.39 -6.99 11.76
C TYR D 61 -11.18 -7.36 13.01
N ILE D 62 -12.02 -8.39 12.88
CA ILE D 62 -12.48 -9.17 14.02
C ILE D 62 -11.37 -10.18 14.28
N SER D 63 -10.94 -10.30 15.53
CA SER D 63 -9.93 -11.29 15.87
C SER D 63 -10.32 -12.10 17.09
N GLY D 64 -9.80 -13.32 17.15
CA GLY D 64 -9.98 -14.21 18.30
C GLY D 64 -8.71 -14.99 18.54
N SER D 65 -8.67 -15.73 19.64
CA SER D 65 -7.55 -16.64 19.91
C SER D 65 -7.30 -17.57 18.72
N THR D 66 -6.04 -17.95 18.52
CA THR D 66 -5.68 -18.92 17.47
C THR D 66 -6.54 -20.19 17.57
N SER D 67 -6.76 -20.65 18.80
CA SER D 67 -7.66 -21.76 19.10
C SER D 67 -9.04 -21.58 18.47
N SER D 68 -9.64 -20.41 18.72
CA SER D 68 -11.01 -20.13 18.28
C SER D 68 -11.12 -19.91 16.79
N ILE D 69 -10.15 -19.16 16.24
CA ILE D 69 -10.15 -18.83 14.81
C ILE D 69 -9.93 -20.09 13.96
N GLU D 70 -9.19 -21.05 14.50
CA GLU D 70 -9.03 -22.33 13.83
C GLU D 70 -10.35 -23.09 13.82
N LYS D 71 -10.99 -23.20 14.98
CA LYS D 71 -12.32 -23.80 15.09
C LYS D 71 -13.29 -23.13 14.12
N LEU D 72 -13.28 -21.80 14.11
CA LEU D 72 -14.16 -20.99 13.26
C LEU D 72 -13.92 -21.21 11.76
N MET D 73 -12.66 -21.22 11.35
CA MET D 73 -12.30 -21.40 9.94
C MET D 73 -12.44 -22.86 9.50
N GLU D 74 -12.08 -23.78 10.40
CA GLU D 74 -12.26 -25.22 10.18
C GLU D 74 -13.74 -25.57 10.03
N ALA D 75 -14.59 -24.56 10.19
CA ALA D 75 -16.05 -24.71 10.03
C ALA D 75 -16.61 -23.82 8.91
N LEU D 76 -15.74 -23.02 8.30
CA LEU D 76 -16.13 -22.18 7.18
C LEU D 76 -15.66 -22.75 5.84
N GLY D 77 -14.87 -23.82 5.89
CA GLY D 77 -14.29 -24.39 4.68
C GLY D 77 -13.27 -23.43 4.11
N ALA D 78 -12.50 -22.82 5.00
CA ALA D 78 -11.48 -21.83 4.65
C ALA D 78 -10.12 -22.33 5.07
N LYS D 79 -9.12 -22.04 4.24
CA LYS D 79 -7.77 -22.58 4.42
C LYS D 79 -6.77 -21.52 4.86
N LYS D 80 -5.68 -21.94 5.48
CA LYS D 80 -4.75 -21.04 6.15
C LYS D 80 -3.50 -20.70 5.34
N ARG D 81 -3.14 -19.42 5.39
CA ARG D 81 -1.82 -18.95 4.94
C ARG D 81 -1.00 -18.57 6.18
N LEU D 82 0.12 -17.87 5.97
CA LEU D 82 0.98 -17.46 7.08
C LEU D 82 0.33 -16.39 7.97
N PHE D 83 -0.34 -15.42 7.35
CA PHE D 83 -0.98 -14.33 8.07
C PHE D 83 -2.50 -14.46 8.15
N ASP D 84 -3.13 -14.91 7.06
CA ASP D 84 -4.58 -14.89 6.94
C ASP D 84 -5.22 -16.18 6.42
N TYR D 85 -6.55 -16.17 6.30
CA TYR D 85 -7.31 -17.29 5.80
C TYR D 85 -7.96 -16.93 4.46
N VAL D 86 -8.17 -17.95 3.61
CA VAL D 86 -8.74 -17.73 2.28
C VAL D 86 -9.79 -18.77 1.89
N VAL D 87 -10.68 -18.37 0.99
CA VAL D 87 -11.60 -19.29 0.33
C VAL D 87 -11.47 -19.05 -1.17
N LYS D 88 -11.95 -19.98 -1.98
CA LYS D 88 -12.06 -19.75 -3.41
C LYS D 88 -13.10 -18.65 -3.62
N CYS D 89 -12.71 -17.59 -4.31
CA CYS D 89 -13.58 -16.43 -4.53
C CYS D 89 -15.01 -16.79 -4.96
N ASN D 90 -15.14 -17.88 -5.73
CA ASN D 90 -16.45 -18.32 -6.22
C ASN D 90 -17.37 -18.87 -5.12
N GLU D 91 -16.77 -19.45 -4.08
CA GLU D 91 -17.53 -20.04 -2.97
C GLU D 91 -17.75 -19.05 -1.81
N GLY D 92 -17.18 -17.85 -1.96
CA GLY D 92 -17.36 -16.77 -1.00
C GLY D 92 -18.81 -16.51 -0.62
N PRO D 93 -19.64 -16.12 -1.61
CA PRO D 93 -21.05 -15.78 -1.35
C PRO D 93 -21.87 -16.88 -0.67
N THR D 94 -21.46 -18.14 -0.84
CA THR D 94 -22.21 -19.29 -0.29
C THR D 94 -21.93 -19.56 1.19
N LEU D 95 -20.85 -18.96 1.70
CA LEU D 95 -20.47 -19.11 3.12
C LEU D 95 -21.57 -18.68 4.09
N PRO D 96 -21.63 -19.33 5.27
CA PRO D 96 -22.70 -19.07 6.23
C PRO D 96 -22.51 -17.79 7.05
N ASP D 97 -23.61 -17.16 7.44
CA ASP D 97 -23.64 -16.07 8.41
C ASP D 97 -22.86 -16.41 9.68
N ILE D 98 -22.20 -15.41 10.25
CA ILE D 98 -21.58 -15.55 11.56
C ILE D 98 -22.28 -14.60 12.56
N SER D 99 -22.67 -15.12 13.73
CA SER D 99 -23.39 -14.35 14.74
C SER D 99 -22.61 -14.20 16.05
N PHE D 100 -22.58 -12.98 16.57
CA PHE D 100 -21.95 -12.73 17.86
C PHE D 100 -23.04 -12.34 18.87
N HIS D 101 -23.06 -13.03 20.01
CA HIS D 101 -24.09 -12.83 21.03
C HIS D 101 -23.64 -11.86 22.12
N LEU D 102 -24.11 -10.63 22.01
CA LEU D 102 -23.71 -9.56 22.90
C LEU D 102 -24.94 -8.96 23.54
N GLY D 103 -25.02 -9.02 24.86
CA GLY D 103 -26.20 -8.55 25.61
C GLY D 103 -27.49 -9.21 25.15
N GLY D 104 -28.46 -8.39 24.76
CA GLY D 104 -29.77 -8.90 24.34
C GLY D 104 -30.01 -8.92 22.84
N LYS D 105 -29.00 -9.32 22.08
CA LYS D 105 -29.07 -9.33 20.61
C LYS D 105 -28.05 -10.33 20.01
N GLU D 106 -28.42 -10.94 18.90
CA GLU D 106 -27.45 -11.63 18.04
C GLU D 106 -27.00 -10.64 16.96
N TYR D 107 -25.70 -10.46 16.86
CA TYR D 107 -25.09 -9.60 15.85
C TYR D 107 -24.52 -10.45 14.72
N THR D 108 -25.16 -10.37 13.56
CA THR D 108 -24.87 -11.26 12.44
C THR D 108 -24.10 -10.58 11.32
N LEU D 109 -22.98 -11.18 10.95
CA LEU D 109 -22.26 -10.79 9.75
C LEU D 109 -22.48 -11.84 8.67
N THR D 110 -22.95 -11.40 7.51
CA THR D 110 -23.09 -12.28 6.34
C THR D 110 -21.72 -12.37 5.69
N SER D 111 -21.53 -13.32 4.78
CA SER D 111 -20.23 -13.49 4.11
C SER D 111 -19.76 -12.23 3.37
N ALA D 112 -20.69 -11.49 2.78
CA ALA D 112 -20.38 -10.20 2.16
C ALA D 112 -19.82 -9.15 3.14
N ASP D 113 -20.07 -9.36 4.43
CA ASP D 113 -19.56 -8.49 5.50
C ASP D 113 -18.18 -8.93 5.98
N TYR D 114 -17.79 -10.16 5.69
CA TYR D 114 -16.47 -10.62 6.14
C TYR D 114 -15.51 -11.20 5.07
N VAL D 115 -16.00 -11.46 3.86
CA VAL D 115 -15.14 -11.88 2.76
C VAL D 115 -14.72 -10.66 1.93
N PHE D 116 -13.41 -10.50 1.69
CA PHE D 116 -12.94 -9.52 0.71
C PHE D 116 -13.13 -10.06 -0.71
N GLN D 117 -14.29 -9.74 -1.28
CA GLN D 117 -14.70 -10.28 -2.59
C GLN D 117 -14.13 -9.47 -3.76
N GLU D 118 -12.85 -9.72 -4.08
CA GLU D 118 -12.18 -9.06 -5.20
C GLU D 118 -12.37 -9.82 -6.50
N SER D 119 -12.86 -11.05 -6.42
CA SER D 119 -13.11 -11.87 -7.60
C SER D 119 -14.35 -12.75 -7.44
N TYR D 120 -14.64 -13.54 -8.47
CA TYR D 120 -15.69 -14.54 -8.44
C TYR D 120 -15.21 -15.81 -9.15
N SER D 121 -13.93 -15.83 -9.51
CA SER D 121 -13.30 -16.96 -10.16
C SER D 121 -12.93 -18.04 -9.15
N SER D 122 -12.94 -19.30 -9.60
CA SER D 122 -12.58 -20.43 -8.75
C SER D 122 -11.06 -20.63 -8.66
N LYS D 123 -10.33 -19.91 -9.50
CA LYS D 123 -8.86 -19.97 -9.52
C LYS D 123 -8.23 -18.97 -8.55
N LYS D 124 -8.90 -17.85 -8.33
CA LYS D 124 -8.43 -16.80 -7.42
C LYS D 124 -8.83 -17.09 -5.97
N LEU D 125 -8.00 -16.63 -5.04
CA LEU D 125 -8.24 -16.82 -3.60
C LEU D 125 -8.62 -15.53 -2.89
N CYS D 126 -9.81 -15.54 -2.28
CA CYS D 126 -10.36 -14.38 -1.58
C CYS D 126 -10.11 -14.43 -0.07
N THR D 127 -9.46 -13.40 0.45
CA THR D 127 -9.15 -13.28 1.88
C THR D 127 -10.40 -12.90 2.70
N LEU D 128 -10.51 -13.48 3.89
CA LEU D 128 -11.56 -13.12 4.84
C LEU D 128 -11.06 -12.05 5.81
N ALA D 129 -11.96 -11.18 6.26
CA ALA D 129 -11.61 -10.07 7.15
C ALA D 129 -11.60 -10.46 8.63
N ILE D 130 -11.29 -11.73 8.89
CA ILE D 130 -11.14 -12.25 10.25
C ILE D 130 -9.76 -12.87 10.39
N HIS D 131 -9.03 -12.45 11.42
CA HIS D 131 -7.67 -12.92 11.64
C HIS D 131 -7.53 -13.45 13.06
N ALA D 132 -6.44 -14.19 13.30
CA ALA D 132 -6.17 -14.71 14.63
C ALA D 132 -5.20 -13.79 15.37
N MET D 133 -5.51 -13.53 16.64
CA MET D 133 -4.62 -12.77 17.50
C MET D 133 -4.79 -13.21 18.96
N ASP D 134 -3.65 -13.48 19.60
CA ASP D 134 -3.61 -13.86 20.99
C ASP D 134 -3.16 -12.65 21.81
N ILE D 135 -4.11 -12.06 22.54
CA ILE D 135 -3.87 -10.84 23.30
C ILE D 135 -3.42 -11.17 24.73
N PRO D 136 -2.24 -10.64 25.13
CA PRO D 136 -1.72 -10.85 26.48
C PRO D 136 -2.56 -10.14 27.56
N PRO D 137 -2.60 -10.71 28.78
CA PRO D 137 -3.19 -10.03 29.95
C PRO D 137 -2.55 -8.65 30.18
N PRO D 138 -3.26 -7.76 30.92
CA PRO D 138 -4.54 -7.98 31.60
C PRO D 138 -5.75 -8.08 30.66
N THR D 139 -5.70 -7.37 29.53
CA THR D 139 -6.83 -7.28 28.59
C THR D 139 -7.29 -8.65 28.06
N GLY D 140 -6.35 -9.43 27.55
CA GLY D 140 -6.64 -10.76 27.03
C GLY D 140 -6.37 -11.87 28.03
N PRO D 141 -6.73 -13.12 27.69
CA PRO D 141 -7.27 -13.55 26.39
C PRO D 141 -8.62 -12.90 26.08
N THR D 142 -8.80 -12.50 24.82
CA THR D 142 -10.06 -11.89 24.36
C THR D 142 -10.20 -11.88 22.85
N TRP D 143 -11.47 -11.87 22.40
CA TRP D 143 -11.79 -11.48 21.03
C TRP D 143 -11.64 -9.97 20.95
N ALA D 144 -11.56 -9.46 19.72
CA ALA D 144 -11.55 -8.02 19.49
C ALA D 144 -12.39 -7.72 18.27
N LEU D 145 -13.28 -6.73 18.39
CA LEU D 145 -14.18 -6.38 17.30
C LEU D 145 -13.72 -5.07 16.69
N GLY D 146 -13.06 -5.18 15.55
CA GLY D 146 -12.50 -4.02 14.86
C GLY D 146 -13.37 -3.63 13.69
N ALA D 147 -12.75 -2.99 12.69
CA ALA D 147 -13.49 -2.36 11.59
C ALA D 147 -14.40 -3.31 10.80
N THR D 148 -14.08 -4.60 10.78
CA THR D 148 -14.97 -5.58 10.16
C THR D 148 -16.36 -5.58 10.85
N PHE D 149 -16.35 -5.47 12.17
CA PHE D 149 -17.58 -5.47 12.95
C PHE D 149 -18.25 -4.08 12.94
N ILE D 150 -17.47 -3.04 13.19
CA ILE D 150 -17.96 -1.66 13.21
C ILE D 150 -18.59 -1.21 11.87
N ARG D 151 -18.00 -1.64 10.75
CA ARG D 151 -18.59 -1.44 9.42
C ARG D 151 -20.03 -1.94 9.35
N LYS D 152 -20.29 -3.10 9.95
CA LYS D 152 -21.67 -3.58 10.02
C LYS D 152 -22.50 -2.86 11.08
N PHE D 153 -21.91 -2.67 12.26
CA PHE D 153 -22.62 -2.06 13.39
C PHE D 153 -22.04 -0.74 13.88
N TYR D 154 -22.67 0.35 13.45
CA TYR D 154 -22.49 1.68 14.01
C TYR D 154 -22.39 1.59 15.53
N THR D 155 -21.37 2.22 16.10
CA THR D 155 -21.00 1.94 17.49
C THR D 155 -20.96 3.22 18.31
N GLU D 156 -21.64 3.21 19.45
CA GLU D 156 -21.67 4.32 20.39
C GLU D 156 -20.94 3.89 21.66
N PHE D 157 -19.95 4.68 22.06
CA PHE D 157 -19.19 4.44 23.27
C PHE D 157 -19.66 5.39 24.34
N ASP D 158 -20.20 4.85 25.43
CA ASP D 158 -20.91 5.62 26.42
C ASP D 158 -20.11 5.66 27.73
N ARG D 159 -19.47 6.79 27.99
CA ARG D 159 -18.67 6.98 29.21
C ARG D 159 -19.56 7.24 30.42
N ARG D 160 -20.66 7.94 30.22
CA ARG D 160 -21.62 8.23 31.30
C ARG D 160 -22.14 6.97 31.97
N ASN D 161 -22.46 5.96 31.17
CA ASN D 161 -23.09 4.73 31.66
C ASN D 161 -22.19 3.47 31.62
N ASN D 162 -20.93 3.65 31.17
CA ASN D 162 -19.99 2.54 30.94
C ASN D 162 -20.65 1.37 30.19
N ARG D 163 -21.13 1.65 28.99
CA ARG D 163 -21.69 0.63 28.13
C ARG D 163 -21.32 0.96 26.69
N ILE D 164 -21.51 0.00 25.80
CA ILE D 164 -21.34 0.20 24.35
C ILE D 164 -22.67 -0.13 23.68
N GLY D 165 -23.08 0.71 22.74
CA GLY D 165 -24.30 0.51 21.98
C GLY D 165 -24.02 0.23 20.53
N PHE D 166 -24.85 -0.64 19.96
CA PHE D 166 -24.75 -1.00 18.54
C PHE D 166 -26.06 -0.78 17.80
N ALA D 167 -25.93 -0.36 16.55
CA ALA D 167 -27.04 -0.29 15.63
C ALA D 167 -26.51 -0.60 14.24
N LEU D 168 -27.39 -1.12 13.39
CA LEU D 168 -27.05 -1.43 12.01
C LEU D 168 -26.67 -0.15 11.30
N ALA D 169 -25.45 -0.11 10.74
CA ALA D 169 -25.00 1.04 9.96
C ALA D 169 -25.78 1.16 8.66
N ARG D 170 -26.04 2.40 8.26
CA ARG D 170 -26.58 2.73 6.94
C ARG D 170 -25.40 2.98 6.02
N HIS D 171 -25.44 2.43 4.81
CA HIS D 171 -24.39 2.68 3.84
C HIS D 171 -25.00 3.28 2.57
#